data_9J1F
#
_entry.id   9J1F
#
_cell.length_a   81.216
_cell.length_b   79.070
_cell.length_c   87.917
_cell.angle_alpha   90.00
_cell.angle_beta   117.20
_cell.angle_gamma   90.00
#
_symmetry.space_group_name_H-M   'P 1 21 1'
#
loop_
_entity.id
_entity.type
_entity.pdbx_description
1 polymer Concanavalin-A
2 non-polymer 'MANGANESE (II) ION'
3 non-polymer 'CALCIUM ION'
4 non-polymer ~{N}2,~{N}9-bis[2-[2-[(2~{S},3~{S},4~{S},5~{S},6~{R})-6-(hydroxymethyl)-3,4,5-tris(oxidanyl)oxan-2-yl]oxyethoxy]ethyl]-1,10-phenanthroline-2,9-dicarboxamide
5 water water
#
_entity_poly.entity_id   1
_entity_poly.type   'polypeptide(L)'
_entity_poly.pdbx_seq_one_letter_code
;ADTIVAVELDTYPNTDIGDPSYPHIGIDIKSVRSKKTAKWNMQNGKVGTAHIIYNSVDKRLSAVVSYPNADSATVSYDVD
LDNVLPEWVRVGLSASTGLYKETNTILSWSFTSKLKSNSTHETNALHFMFNQFSKDQKDLILQGDATTGTDGNLELTRVS
SNGSPQGSSVGRALFYAPVHIWESSAVVASFEATFTFLIKSPDSHPADGIAFFISNIDSSIPSGSTGRLLGLFPDAN
;
_entity_poly.pdbx_strand_id   A,B,C,D
#
loop_
_chem_comp.id
_chem_comp.type
_chem_comp.name
_chem_comp.formula
A1EAW non-polymer ~{N}2,~{N}9-bis[2-[2-[(2~{S},3~{S},4~{S},5~{S},6~{R})-6-(hydroxymethyl)-3,4,5-tris(oxidanyl)oxan-2-yl]oxyethoxy]ethyl]-1,10-phenanthroline-2,9-dicarboxamide 'C34 H46 N4 O16'
CA non-polymer 'CALCIUM ION' 'Ca 2'
MN non-polymer 'MANGANESE (II) ION' 'Mn 2'
#
# COMPACT_ATOMS: atom_id res chain seq x y z
N ALA A 1 -1.88 16.35 -2.06
CA ALA A 1 -1.15 16.46 -0.80
C ALA A 1 -0.36 15.16 -0.57
N ASP A 2 0.45 15.15 0.49
CA ASP A 2 1.16 13.95 0.98
C ASP A 2 0.15 13.09 1.75
N THR A 3 0.42 11.79 1.83
CA THR A 3 -0.22 10.85 2.78
C THR A 3 0.72 10.67 3.98
N ILE A 4 0.30 11.12 5.16
CA ILE A 4 1.14 11.07 6.39
C ILE A 4 0.45 10.18 7.43
N VAL A 5 1.20 9.23 7.97
CA VAL A 5 0.91 8.55 9.26
C VAL A 5 2.02 9.01 10.22
N ALA A 6 1.68 9.40 11.44
CA ALA A 6 2.68 9.96 12.37
C ALA A 6 2.34 9.67 13.82
N VAL A 7 3.39 9.62 14.62
CA VAL A 7 3.38 9.72 16.10
C VAL A 7 3.97 11.07 16.49
N GLU A 8 3.15 11.91 17.10
CA GLU A 8 3.53 13.30 17.45
C GLU A 8 3.86 13.35 18.95
N LEU A 9 4.98 13.98 19.29
CA LEU A 9 5.34 14.48 20.63
C LEU A 9 4.99 15.97 20.61
N ASP A 10 3.79 16.28 21.07
CA ASP A 10 3.16 17.60 20.91
C ASP A 10 3.34 18.38 22.23
N THR A 11 4.19 19.41 22.20
CA THR A 11 4.61 20.19 23.39
C THR A 11 3.56 21.27 23.70
N TYR A 12 2.83 21.76 22.69
CA TYR A 12 1.99 22.98 22.79
C TYR A 12 0.52 22.65 22.58
N PRO A 13 -0.33 22.88 23.60
CA PRO A 13 -1.76 22.67 23.48
C PRO A 13 -2.44 23.69 22.56
N ASN A 14 -2.79 23.27 21.34
CA ASN A 14 -3.63 24.04 20.38
C ASN A 14 -5.08 23.56 20.55
N THR A 15 -5.80 24.06 21.56
CA THR A 15 -7.16 23.53 21.91
C THR A 15 -8.20 23.91 20.84
N ASP A 16 -7.96 24.95 20.04
CA ASP A 16 -8.89 25.35 18.95
C ASP A 16 -8.89 24.31 17.81
N ILE A 17 -7.89 23.44 17.72
CA ILE A 17 -7.85 22.38 16.67
C ILE A 17 -7.82 20.99 17.32
N GLY A 18 -8.42 20.85 18.50
CA GLY A 18 -8.73 19.53 19.09
C GLY A 18 -7.63 18.91 19.93
N ASP A 19 -6.46 19.55 20.09
CA ASP A 19 -5.43 19.08 21.06
C ASP A 19 -6.07 19.08 22.44
N PRO A 20 -5.71 18.12 23.34
CA PRO A 20 -6.11 18.21 24.74
C PRO A 20 -5.40 19.46 25.31
N SER A 21 -5.75 19.84 26.54
CA SER A 21 -5.29 21.10 27.16
C SER A 21 -3.88 20.96 27.72
N TYR A 22 -3.15 19.88 27.44
CA TYR A 22 -1.82 19.60 28.05
C TYR A 22 -0.85 19.08 26.99
N PRO A 23 0.48 19.09 27.25
CA PRO A 23 1.41 18.38 26.39
C PRO A 23 0.94 16.93 26.25
N HIS A 24 1.14 16.32 25.08
CA HIS A 24 0.60 14.96 24.78
C HIS A 24 1.40 14.26 23.69
N ILE A 25 1.31 12.95 23.67
CA ILE A 25 1.69 12.12 22.52
C ILE A 25 0.39 11.73 21.82
N GLY A 26 0.46 11.59 20.49
CA GLY A 26 -0.70 11.22 19.65
C GLY A 26 -0.33 10.35 18.45
N ILE A 27 -1.32 9.64 17.91
CA ILE A 27 -1.21 8.95 16.60
C ILE A 27 -2.02 9.74 15.60
N ASP A 28 -1.38 10.16 14.50
CA ASP A 28 -1.98 11.04 13.45
C ASP A 28 -2.12 10.21 12.15
N ILE A 29 -3.34 9.97 11.70
CA ILE A 29 -3.60 9.27 10.42
C ILE A 29 -4.16 10.28 9.43
N LYS A 30 -3.30 10.84 8.56
CA LYS A 30 -3.68 11.75 7.45
C LYS A 30 -4.32 13.05 7.99
N SER A 31 -4.04 13.40 9.25
CA SER A 31 -4.57 14.60 9.94
C SER A 31 -3.75 14.90 11.20
N VAL A 32 -3.55 16.18 11.47
CA VAL A 32 -2.88 16.69 12.69
C VAL A 32 -3.85 16.54 13.88
N ARG A 33 -5.14 16.34 13.66
CA ARG A 33 -6.08 16.01 14.78
C ARG A 33 -5.91 14.52 15.11
N SER A 34 -5.07 14.25 16.11
CA SER A 34 -4.70 12.89 16.56
C SER A 34 -5.96 12.04 16.68
N LYS A 35 -5.90 10.82 16.16
CA LYS A 35 -7.00 9.84 16.30
C LYS A 35 -7.03 9.33 17.73
N LYS A 36 -5.93 9.46 18.47
CA LYS A 36 -5.78 8.97 19.86
C LYS A 36 -4.61 9.72 20.51
N THR A 37 -4.75 10.13 21.77
CA THR A 37 -3.73 10.93 22.49
C THR A 37 -3.61 10.45 23.92
N ALA A 38 -2.47 10.71 24.55
CA ALA A 38 -2.26 10.48 25.98
C ALA A 38 -1.47 11.66 26.52
N LYS A 39 -1.79 12.06 27.76
CA LYS A 39 -1.08 13.12 28.49
C LYS A 39 0.43 12.79 28.54
N TRP A 40 1.27 13.78 28.27
CA TRP A 40 2.73 13.57 28.29
C TRP A 40 3.37 14.60 29.22
N ASN A 41 3.92 14.16 30.35
CA ASN A 41 4.67 15.03 31.30
C ASN A 41 6.06 15.25 30.70
N MET A 42 6.15 16.15 29.74
CA MET A 42 7.41 16.57 29.09
C MET A 42 8.28 17.26 30.14
N GLN A 43 9.59 16.95 30.14
CA GLN A 43 10.59 17.47 31.11
C GLN A 43 11.56 18.38 30.35
N ASN A 44 11.34 19.70 30.44
CA ASN A 44 12.14 20.76 29.80
C ASN A 44 13.61 20.52 30.17
N GLY A 45 14.46 20.21 29.18
CA GLY A 45 15.92 20.10 29.33
C GLY A 45 16.40 18.69 29.58
N LYS A 46 15.50 17.70 29.63
CA LYS A 46 15.89 16.30 29.88
C LYS A 46 15.88 15.51 28.57
N VAL A 47 16.77 14.53 28.49
CA VAL A 47 16.89 13.56 27.36
C VAL A 47 15.83 12.47 27.58
N GLY A 48 14.92 12.30 26.62
CA GLY A 48 13.87 11.28 26.62
C GLY A 48 14.05 10.27 25.49
N THR A 49 13.32 9.17 25.55
CA THR A 49 13.32 8.07 24.56
C THR A 49 11.90 7.90 24.04
N ALA A 50 11.79 7.69 22.73
CA ALA A 50 10.54 7.35 22.02
C ALA A 50 10.68 5.95 21.43
N HIS A 51 9.69 5.10 21.63
CA HIS A 51 9.68 3.71 21.13
C HIS A 51 8.36 3.52 20.36
N ILE A 52 8.44 3.22 19.07
CA ILE A 52 7.23 3.08 18.20
C ILE A 52 7.29 1.70 17.54
N ILE A 53 6.14 1.02 17.51
CA ILE A 53 5.99 -0.31 16.85
C ILE A 53 4.71 -0.30 16.01
N TYR A 54 4.84 -0.77 14.78
CA TYR A 54 3.69 -1.24 13.97
C TYR A 54 3.78 -2.77 13.92
N ASN A 55 2.77 -3.43 14.46
CA ASN A 55 2.70 -4.92 14.52
C ASN A 55 1.65 -5.36 13.50
N SER A 56 2.10 -5.92 12.36
CA SER A 56 1.22 -6.31 11.23
C SER A 56 0.21 -7.38 11.68
N VAL A 57 0.58 -8.20 12.66
CA VAL A 57 -0.27 -9.28 13.22
C VAL A 57 -1.60 -8.71 13.76
N ASP A 58 -1.55 -7.64 14.54
CA ASP A 58 -2.74 -6.94 15.11
C ASP A 58 -3.14 -5.73 14.23
N LYS A 59 -2.33 -5.36 13.21
CA LYS A 59 -2.44 -4.05 12.51
C LYS A 59 -2.60 -2.91 13.54
N ARG A 60 -1.70 -2.86 14.51
CA ARG A 60 -1.73 -1.88 15.64
C ARG A 60 -0.43 -1.06 15.65
N LEU A 61 -0.57 0.26 15.58
CA LEU A 61 0.51 1.25 15.79
C LEU A 61 0.55 1.61 17.29
N SER A 62 1.74 1.52 17.89
CA SER A 62 2.02 1.68 19.33
C SER A 62 3.17 2.66 19.49
N ALA A 63 3.15 3.46 20.55
CA ALA A 63 4.23 4.41 20.88
C ALA A 63 4.30 4.56 22.39
N VAL A 64 5.52 4.50 22.90
CA VAL A 64 5.89 4.76 24.33
C VAL A 64 6.91 5.88 24.33
N VAL A 65 6.72 6.86 25.21
CA VAL A 65 7.68 7.96 25.41
C VAL A 65 8.02 8.04 26.91
N SER A 66 9.29 8.09 27.23
CA SER A 66 9.72 7.94 28.64
C SER A 66 10.97 8.78 28.92
N TYR A 67 11.15 9.15 30.19
CA TYR A 67 12.39 9.74 30.76
C TYR A 67 12.96 8.80 31.81
N PRO A 68 14.28 8.83 32.08
CA PRO A 68 14.86 8.00 33.14
C PRO A 68 14.15 8.31 34.48
N ASN A 69 13.84 7.27 35.27
CA ASN A 69 13.25 7.40 36.63
C ASN A 69 11.99 8.31 36.59
N ALA A 70 11.14 8.14 35.57
CA ALA A 70 9.76 8.66 35.51
C ALA A 70 8.90 7.63 34.76
N ASP A 71 7.59 7.65 35.01
CA ASP A 71 6.64 6.73 34.34
C ASP A 71 6.40 7.19 32.91
N SER A 72 6.13 6.24 32.02
CA SER A 72 5.96 6.55 30.58
C SER A 72 4.57 7.05 30.22
N ALA A 73 4.47 7.59 29.02
CA ALA A 73 3.19 7.98 28.39
C ALA A 73 3.04 7.03 27.19
N THR A 74 1.84 6.50 26.98
CA THR A 74 1.60 5.51 25.91
C THR A 74 0.28 5.77 25.17
N VAL A 75 0.29 5.39 23.90
CA VAL A 75 -0.82 5.58 22.94
C VAL A 75 -0.74 4.45 21.92
N SER A 76 -1.88 4.05 21.36
CA SER A 76 -2.00 2.83 20.52
C SER A 76 -3.23 3.04 19.64
N TYR A 77 -3.16 2.68 18.36
CA TYR A 77 -4.32 2.79 17.43
C TYR A 77 -4.27 1.67 16.39
N ASP A 78 -5.42 1.03 16.16
CA ASP A 78 -5.60 -0.02 15.13
C ASP A 78 -5.80 0.69 13.80
N VAL A 79 -4.92 0.46 12.84
CA VAL A 79 -4.95 1.10 11.50
C VAL A 79 -4.32 0.15 10.47
N ASP A 80 -5.07 -0.10 9.39
CA ASP A 80 -4.65 -0.92 8.22
C ASP A 80 -3.75 -0.07 7.34
N LEU A 81 -2.44 -0.05 7.59
CA LEU A 81 -1.46 0.78 6.83
C LEU A 81 -1.53 0.47 5.32
N ASP A 82 -1.95 -0.73 4.93
CA ASP A 82 -2.19 -1.16 3.52
C ASP A 82 -3.30 -0.35 2.87
N ASN A 83 -4.24 0.22 3.65
CA ASN A 83 -5.44 0.94 3.14
C ASN A 83 -5.21 2.46 3.25
N VAL A 84 -4.07 2.92 3.78
CA VAL A 84 -3.82 4.36 4.02
C VAL A 84 -2.59 4.82 3.24
N LEU A 85 -1.47 4.09 3.34
CA LEU A 85 -0.17 4.56 2.77
C LEU A 85 -0.01 3.97 1.38
N PRO A 86 0.86 4.52 0.50
CA PRO A 86 1.30 3.78 -0.67
C PRO A 86 2.17 2.58 -0.27
N GLU A 87 2.42 1.71 -1.23
CA GLU A 87 3.19 0.44 -1.11
C GLU A 87 4.61 0.77 -0.63
N TRP A 88 5.20 1.84 -1.17
CA TRP A 88 6.58 2.28 -0.89
C TRP A 88 6.52 3.65 -0.20
N VAL A 89 7.30 3.84 0.86
CA VAL A 89 7.25 5.03 1.76
C VAL A 89 8.68 5.43 2.14
N ARG A 90 8.84 6.65 2.62
CA ARG A 90 10.05 7.08 3.36
C ARG A 90 9.63 7.31 4.81
N VAL A 91 10.53 7.01 5.73
CA VAL A 91 10.35 7.29 7.17
C VAL A 91 11.25 8.46 7.53
N GLY A 92 10.81 9.24 8.52
CA GLY A 92 11.46 10.51 8.87
C GLY A 92 11.16 10.98 10.28
N LEU A 93 11.84 12.05 10.67
CA LEU A 93 11.59 12.82 11.89
C LEU A 93 11.31 14.25 11.44
N SER A 94 10.34 14.91 12.05
CA SER A 94 9.92 16.29 11.73
C SER A 94 9.86 17.06 13.05
N ALA A 95 10.06 18.37 13.02
CA ALA A 95 9.83 19.23 14.20
C ALA A 95 9.47 20.64 13.73
N SER A 96 8.85 21.42 14.61
CA SER A 96 8.48 22.83 14.33
C SER A 96 8.43 23.66 15.63
N THR A 97 8.59 24.97 15.44
CA THR A 97 8.37 26.06 16.41
C THR A 97 7.45 27.10 15.77
N GLY A 98 6.82 27.94 16.58
CA GLY A 98 5.83 28.93 16.12
C GLY A 98 6.14 30.28 16.75
N LEU A 99 5.13 30.91 17.38
CA LEU A 99 5.32 32.06 18.30
C LEU A 99 6.20 31.60 19.46
N TYR A 100 5.97 30.39 19.97
CA TYR A 100 6.80 29.76 21.01
C TYR A 100 7.78 28.78 20.35
N LYS A 101 8.81 28.41 21.11
CA LYS A 101 9.98 27.71 20.57
C LYS A 101 10.56 26.74 21.60
N GLU A 102 11.40 25.85 21.07
CA GLU A 102 12.16 24.83 21.80
C GLU A 102 13.27 24.35 20.87
N THR A 103 14.37 23.86 21.43
CA THR A 103 15.31 22.96 20.72
C THR A 103 14.58 21.66 20.40
N ASN A 104 14.84 21.12 19.21
CA ASN A 104 14.30 19.83 18.75
C ASN A 104 15.50 18.96 18.38
N THR A 105 16.29 18.64 19.40
CA THR A 105 17.54 17.85 19.28
C THR A 105 17.21 16.36 19.28
N ILE A 106 17.67 15.64 18.26
CA ILE A 106 17.69 14.16 18.14
C ILE A 106 19.13 13.69 18.37
N LEU A 107 19.37 12.85 19.39
CA LEU A 107 20.72 12.34 19.75
C LEU A 107 20.90 10.96 19.13
N SER A 108 19.82 10.24 18.88
CA SER A 108 19.91 8.89 18.28
C SER A 108 18.61 8.54 17.57
N TRP A 109 18.70 7.69 16.56
CA TRP A 109 17.53 7.20 15.80
C TRP A 109 17.84 5.84 15.20
N SER A 110 17.02 4.85 15.50
CA SER A 110 17.09 3.50 14.89
C SER A 110 15.72 3.14 14.30
N PHE A 111 15.73 2.36 13.23
CA PHE A 111 14.51 1.90 12.54
C PHE A 111 14.77 0.49 11.99
N THR A 112 13.80 -0.40 12.19
CA THR A 112 13.74 -1.72 11.52
C THR A 112 12.37 -1.96 10.91
N SER A 113 12.39 -2.52 9.70
CA SER A 113 11.19 -2.92 8.91
C SER A 113 11.39 -4.35 8.38
N LYS A 114 10.40 -5.21 8.55
CA LYS A 114 10.40 -6.62 8.05
C LYS A 114 9.10 -6.89 7.29
N LEU A 115 9.22 -7.35 6.06
CA LEU A 115 8.05 -7.71 5.24
C LEU A 115 8.21 -9.17 4.81
N LYS A 116 7.23 -9.99 5.19
CA LYS A 116 7.32 -11.46 5.05
C LYS A 116 6.14 -12.05 4.30
N SER A 117 6.39 -12.54 3.09
CA SER A 117 5.35 -13.15 2.22
C SER A 117 4.77 -14.42 2.86
N ASN A 118 3.47 -14.66 2.66
CA ASN A 118 2.81 -15.90 3.13
C ASN A 118 3.36 -17.07 2.31
N SER A 119 3.53 -16.82 1.01
CA SER A 119 3.98 -17.85 0.04
C SER A 119 5.40 -18.34 0.31
N THR A 120 6.35 -17.41 0.41
CA THR A 120 7.77 -17.78 0.60
C THR A 120 8.04 -18.28 2.02
N HIS A 121 7.44 -17.59 3.00
CA HIS A 121 7.75 -17.77 4.45
C HIS A 121 9.22 -17.37 4.71
N GLU A 122 9.67 -16.32 4.02
CA GLU A 122 11.01 -15.69 4.12
C GLU A 122 10.80 -14.17 4.17
N THR A 123 11.75 -13.43 4.74
CA THR A 123 11.53 -11.99 5.02
C THR A 123 12.50 -11.09 4.23
N ASN A 124 12.02 -9.91 3.82
CA ASN A 124 12.85 -8.76 3.35
C ASN A 124 12.96 -7.79 4.54
N ALA A 125 14.09 -7.11 4.71
CA ALA A 125 14.30 -6.25 5.91
C ALA A 125 15.26 -5.08 5.63
N LEU A 126 14.98 -3.97 6.31
CA LEU A 126 15.83 -2.77 6.37
C LEU A 126 16.03 -2.39 7.84
N HIS A 127 17.27 -2.11 8.21
CA HIS A 127 17.61 -1.58 9.54
C HIS A 127 18.67 -0.50 9.37
N PHE A 128 18.49 0.64 10.02
CA PHE A 128 19.56 1.63 10.21
C PHE A 128 19.55 2.08 11.66
N MET A 129 20.70 2.56 12.10
CA MET A 129 20.97 3.03 13.48
C MET A 129 21.98 4.18 13.41
N PHE A 130 21.58 5.34 13.93
CA PHE A 130 22.44 6.53 14.11
C PHE A 130 22.55 6.75 15.60
N ASN A 131 23.73 6.52 16.17
CA ASN A 131 24.06 6.95 17.54
C ASN A 131 24.82 8.28 17.47
N GLN A 132 25.32 8.68 16.30
CA GLN A 132 25.98 10.00 16.09
C GLN A 132 25.63 10.49 14.67
N PHE A 133 25.45 11.80 14.50
CA PHE A 133 25.15 12.42 13.20
C PHE A 133 26.40 13.18 12.76
N SER A 134 26.64 13.16 11.46
CA SER A 134 27.85 13.68 10.79
C SER A 134 27.50 14.99 10.09
N LYS A 135 28.50 15.86 9.90
CA LYS A 135 28.37 17.22 9.28
C LYS A 135 27.79 17.07 7.88
N ASP A 136 28.12 15.99 7.16
CA ASP A 136 27.66 15.75 5.77
C ASP A 136 27.05 14.34 5.71
N GLN A 137 25.79 14.21 6.13
CA GLN A 137 25.15 12.89 6.40
C GLN A 137 24.34 12.47 5.18
N LYS A 138 24.94 11.69 4.29
CA LYS A 138 24.47 11.46 2.90
C LYS A 138 23.35 10.42 2.86
N ASP A 139 23.18 9.63 3.92
CA ASP A 139 22.01 8.69 4.01
C ASP A 139 20.78 9.38 4.62
N LEU A 140 20.77 10.70 4.79
CA LEU A 140 19.60 11.48 5.27
C LEU A 140 19.26 12.58 4.25
N ILE A 141 17.99 12.76 3.95
CA ILE A 141 17.50 13.92 3.19
C ILE A 141 17.04 14.94 4.25
N LEU A 142 17.73 16.06 4.37
CA LEU A 142 17.38 17.16 5.30
C LEU A 142 16.50 18.15 4.55
N GLN A 143 15.37 18.58 5.13
CA GLN A 143 14.44 19.56 4.52
C GLN A 143 14.28 20.70 5.52
N GLY A 144 14.04 21.92 5.05
CA GLY A 144 13.85 23.12 5.88
C GLY A 144 15.10 23.46 6.68
N ASP A 145 14.92 23.69 7.99
CA ASP A 145 16.01 24.21 8.86
C ASP A 145 16.83 23.05 9.45
N ALA A 146 16.56 21.79 9.10
CA ALA A 146 17.25 20.65 9.75
C ALA A 146 18.75 20.63 9.37
N THR A 147 19.63 20.47 10.34
CA THR A 147 21.10 20.37 10.17
C THR A 147 21.64 19.21 11.01
N THR A 148 22.84 18.71 10.69
CA THR A 148 23.55 17.65 11.44
C THR A 148 24.96 18.11 11.83
N GLY A 149 25.59 17.42 12.79
CA GLY A 149 27.04 17.52 13.08
C GLY A 149 27.39 18.38 14.30
N THR A 150 26.46 19.23 14.75
CA THR A 150 26.62 20.05 15.98
C THR A 150 26.53 19.11 17.19
N ASP A 151 27.67 18.80 17.81
CA ASP A 151 27.84 17.86 18.96
C ASP A 151 27.49 16.42 18.56
N GLY A 152 27.60 16.07 17.27
CA GLY A 152 27.11 14.81 16.68
C GLY A 152 25.59 14.64 16.72
N ASN A 153 24.82 15.72 16.74
CA ASN A 153 23.33 15.66 16.86
C ASN A 153 22.66 16.10 15.56
N LEU A 154 21.39 15.77 15.44
CA LEU A 154 20.47 16.20 14.36
C LEU A 154 19.58 17.29 14.97
N GLU A 155 19.74 18.54 14.53
CA GLU A 155 18.93 19.70 15.02
C GLU A 155 17.78 19.92 14.03
N LEU A 156 16.57 19.51 14.40
CA LEU A 156 15.46 19.51 13.42
C LEU A 156 15.07 20.96 13.13
N THR A 157 15.09 21.83 14.14
CA THR A 157 14.70 23.26 13.99
C THR A 157 15.89 24.19 14.29
N ARG A 158 15.79 25.42 13.81
CA ARG A 158 16.88 26.42 13.87
C ARG A 158 17.20 26.76 15.34
N VAL A 159 18.46 26.56 15.72
CA VAL A 159 19.09 27.02 16.98
C VAL A 159 20.23 28.00 16.61
N SER A 160 20.32 29.11 17.32
CA SER A 160 21.44 30.10 17.19
C SER A 160 22.71 29.51 17.82
N SER A 161 23.87 30.13 17.57
CA SER A 161 25.21 29.65 17.99
C SER A 161 25.38 29.75 19.51
N ASN A 162 24.62 30.62 20.19
CA ASN A 162 24.64 30.72 21.68
C ASN A 162 23.81 29.59 22.31
N GLY A 163 23.07 28.80 21.52
CA GLY A 163 22.26 27.66 22.00
C GLY A 163 20.76 27.95 22.00
N SER A 164 20.32 29.16 21.65
CA SER A 164 18.91 29.63 21.73
C SER A 164 18.13 29.12 20.53
N PRO A 165 16.95 28.48 20.76
CA PRO A 165 16.07 28.01 19.69
C PRO A 165 15.28 29.20 19.09
N GLN A 166 14.83 29.09 17.84
CA GLN A 166 14.17 30.20 17.09
C GLN A 166 12.71 29.82 16.82
N GLY A 167 11.85 30.84 16.78
CA GLY A 167 10.43 30.73 16.37
C GLY A 167 10.30 30.47 14.87
N SER A 168 9.09 30.12 14.43
CA SER A 168 8.69 30.01 13.01
C SER A 168 9.68 29.15 12.22
N SER A 169 10.11 28.05 12.83
CA SER A 169 11.12 27.11 12.29
C SER A 169 10.41 25.79 11.98
N VAL A 170 10.81 25.12 10.91
CA VAL A 170 10.41 23.73 10.55
C VAL A 170 11.61 23.02 9.91
N GLY A 171 11.74 21.71 10.14
CA GLY A 171 12.83 20.88 9.61
C GLY A 171 12.54 19.38 9.77
N ARG A 172 12.98 18.60 8.78
CA ARG A 172 12.69 17.15 8.66
C ARG A 172 13.96 16.45 8.19
N ALA A 173 14.09 15.19 8.54
CA ALA A 173 15.18 14.30 8.06
C ALA A 173 14.53 12.97 7.68
N LEU A 174 14.65 12.59 6.41
CA LEU A 174 14.11 11.32 5.88
C LEU A 174 15.29 10.37 5.63
N PHE A 175 15.12 9.08 5.94
CA PHE A 175 16.11 8.04 5.54
C PHE A 175 16.09 8.00 4.02
N TYR A 176 17.28 7.88 3.42
CA TYR A 176 17.44 7.95 1.94
C TYR A 176 16.66 6.81 1.25
N ALA A 177 16.80 5.58 1.73
CA ALA A 177 16.19 4.41 1.05
C ALA A 177 14.70 4.38 1.32
N PRO A 178 13.87 4.24 0.27
CA PRO A 178 12.44 4.00 0.47
C PRO A 178 12.22 2.60 1.09
N VAL A 179 11.09 2.44 1.78
CA VAL A 179 10.78 1.28 2.64
C VAL A 179 9.52 0.62 2.07
N HIS A 180 9.55 -0.71 1.94
CA HIS A 180 8.42 -1.49 1.37
C HIS A 180 7.49 -1.90 2.52
N ILE A 181 6.30 -1.31 2.58
CA ILE A 181 5.47 -1.31 3.82
C ILE A 181 4.28 -2.29 3.64
N TRP A 182 3.91 -2.66 2.41
CA TRP A 182 2.95 -3.76 2.15
C TRP A 182 3.08 -4.26 0.70
N GLU A 183 2.66 -5.50 0.47
CA GLU A 183 2.55 -6.06 -0.90
C GLU A 183 1.08 -6.35 -1.21
N SER A 184 0.28 -6.63 -0.19
CA SER A 184 -1.18 -6.80 -0.29
C SER A 184 -1.81 -6.48 1.06
N SER A 185 -3.13 -6.56 1.14
CA SER A 185 -3.86 -6.32 2.39
C SER A 185 -3.55 -7.45 3.38
N ALA A 186 -3.10 -8.61 2.87
CA ALA A 186 -2.77 -9.83 3.65
C ALA A 186 -1.28 -9.87 4.03
N VAL A 187 -0.42 -9.10 3.35
CA VAL A 187 1.06 -9.12 3.61
C VAL A 187 1.55 -7.68 3.87
N VAL A 188 1.66 -7.32 5.15
CA VAL A 188 1.96 -5.94 5.61
C VAL A 188 3.22 -6.01 6.48
N ALA A 189 4.07 -4.99 6.40
CA ALA A 189 5.32 -4.95 7.15
C ALA A 189 5.02 -4.65 8.64
N SER A 190 5.83 -5.19 9.52
CA SER A 190 5.98 -4.74 10.91
C SER A 190 7.22 -3.85 10.92
N PHE A 191 7.24 -2.85 11.81
CA PHE A 191 8.44 -2.00 11.92
C PHE A 191 8.57 -1.55 13.38
N GLU A 192 9.77 -1.12 13.72
CA GLU A 192 10.18 -0.62 15.05
C GLU A 192 11.03 0.62 14.79
N ALA A 193 10.75 1.71 15.50
CA ALA A 193 11.61 2.91 15.60
C ALA A 193 11.88 3.25 17.07
N THR A 194 13.10 3.66 17.34
CA THR A 194 13.54 4.30 18.60
C THR A 194 14.25 5.61 18.24
N PHE A 195 14.05 6.65 19.05
CA PHE A 195 14.87 7.86 19.01
C PHE A 195 14.97 8.43 20.41
N THR A 196 16.10 9.10 20.66
CA THR A 196 16.34 9.89 21.88
C THR A 196 16.33 11.36 21.47
N PHE A 197 15.85 12.23 22.35
CA PHE A 197 15.54 13.65 22.00
C PHE A 197 15.82 14.54 23.22
N LEU A 198 16.14 15.79 22.96
CA LEU A 198 16.33 16.82 24.01
C LEU A 198 15.52 18.06 23.58
N ILE A 199 14.42 18.30 24.29
CA ILE A 199 13.54 19.48 24.09
C ILE A 199 13.81 20.45 25.23
N LYS A 200 14.52 21.54 24.94
CA LYS A 200 14.92 22.59 25.91
C LYS A 200 14.26 23.89 25.44
N SER A 201 13.59 24.60 26.35
CA SER A 201 13.00 25.92 26.08
C SER A 201 13.32 26.90 27.20
N PRO A 202 13.78 28.14 26.88
CA PRO A 202 13.76 29.26 27.85
C PRO A 202 12.35 29.71 28.26
N ASP A 203 11.37 29.58 27.35
CA ASP A 203 9.94 29.97 27.55
C ASP A 203 9.28 29.10 28.63
N SER A 204 8.34 29.70 29.37
CA SER A 204 7.37 28.99 30.25
C SER A 204 6.60 27.95 29.41
N HIS A 205 6.37 28.25 28.12
CA HIS A 205 5.60 27.41 27.17
C HIS A 205 6.50 27.06 25.97
N PRO A 206 7.12 25.86 25.95
CA PRO A 206 7.72 25.33 24.73
C PRO A 206 6.69 25.00 23.63
N ALA A 207 7.15 24.94 22.39
CA ALA A 207 6.33 24.57 21.22
C ALA A 207 7.30 24.29 20.08
N ASP A 208 6.87 23.49 19.08
CA ASP A 208 5.55 22.91 18.95
C ASP A 208 5.57 21.37 19.03
N GLY A 209 6.73 20.74 18.86
CA GLY A 209 6.85 19.29 19.02
C GLY A 209 7.74 18.63 17.99
N ILE A 210 7.97 17.33 18.19
CA ILE A 210 8.71 16.38 17.31
C ILE A 210 7.73 15.31 16.84
N ALA A 211 7.89 14.80 15.62
CA ALA A 211 7.09 13.68 15.09
C ALA A 211 8.00 12.69 14.37
N PHE A 212 7.74 11.40 14.58
CA PHE A 212 8.15 10.30 13.68
C PHE A 212 7.03 10.10 12.67
N PHE A 213 7.36 10.01 11.38
CA PHE A 213 6.32 9.92 10.33
C PHE A 213 6.75 8.98 9.21
N ILE A 214 5.74 8.52 8.49
CA ILE A 214 5.82 7.69 7.26
C ILE A 214 5.04 8.44 6.19
N SER A 215 5.66 8.65 5.06
CA SER A 215 4.96 9.39 4.01
C SER A 215 5.22 8.72 2.69
N ASN A 216 4.66 9.30 1.66
CA ASN A 216 4.96 8.97 0.26
C ASN A 216 6.44 9.33 0.07
N ILE A 217 7.13 8.59 -0.79
CA ILE A 217 8.60 8.76 -0.97
C ILE A 217 9.00 10.19 -1.34
N ASP A 218 8.22 10.92 -2.12
CA ASP A 218 8.49 12.31 -2.58
C ASP A 218 7.95 13.39 -1.64
N SER A 219 7.54 13.05 -0.42
CA SER A 219 7.05 14.02 0.58
C SER A 219 8.04 15.19 0.75
N SER A 220 7.50 16.41 0.80
CA SER A 220 8.23 17.65 1.15
C SER A 220 7.47 18.41 2.24
N ILE A 221 8.16 19.35 2.92
CA ILE A 221 7.53 20.23 3.95
C ILE A 221 6.37 20.96 3.28
N PRO A 222 5.10 20.78 3.70
CA PRO A 222 4.00 21.61 3.18
C PRO A 222 4.15 23.09 3.53
N SER A 223 3.66 23.95 2.62
CA SER A 223 3.69 25.43 2.72
C SER A 223 2.92 25.86 3.98
N GLY A 224 3.55 26.69 4.81
CA GLY A 224 2.93 27.20 6.05
C GLY A 224 2.80 26.16 7.17
N SER A 225 3.51 25.02 7.11
CA SER A 225 3.35 23.94 8.12
C SER A 225 4.25 24.15 9.36
N THR A 226 4.67 25.39 9.66
CA THR A 226 5.35 25.74 10.93
C THR A 226 4.35 25.63 12.07
N GLY A 227 4.83 25.74 13.31
CA GLY A 227 3.99 25.72 14.53
C GLY A 227 3.19 24.44 14.65
N ARG A 228 1.89 24.56 14.87
CA ARG A 228 1.05 23.42 15.32
C ARG A 228 0.93 22.32 14.25
N LEU A 229 1.37 22.55 13.00
CA LEU A 229 1.24 21.56 11.89
C LEU A 229 2.46 20.65 11.80
N LEU A 230 3.50 20.91 12.62
CA LEU A 230 4.63 20.00 12.90
C LEU A 230 5.42 19.64 11.63
N GLY A 231 5.23 20.42 10.57
CA GLY A 231 5.91 20.31 9.28
C GLY A 231 5.39 19.15 8.47
N LEU A 232 4.17 18.69 8.78
CA LEU A 232 3.59 17.43 8.23
C LEU A 232 2.36 17.71 7.37
N PHE A 233 1.50 18.65 7.77
CA PHE A 233 0.14 18.82 7.19
C PHE A 233 0.00 20.22 6.60
N PRO A 234 -0.74 20.36 5.47
CA PRO A 234 -0.95 21.66 4.84
C PRO A 234 -1.95 22.53 5.63
N ASP A 235 -2.91 21.91 6.34
CA ASP A 235 -3.97 22.58 7.16
C ASP A 235 -4.26 21.75 8.41
N ALA A 236 -5.09 22.25 9.31
CA ALA A 236 -5.42 21.66 10.62
C ALA A 236 -6.70 20.82 10.54
N ASN A 237 -7.01 20.26 9.39
CA ASN A 237 -8.22 19.40 9.20
C ASN A 237 -7.83 17.92 9.37
N ALA B 1 -3.77 -32.68 -0.21
CA ALA B 1 -4.57 -31.47 -0.55
C ALA B 1 -4.28 -31.05 -2.00
N ASP B 2 -5.20 -30.30 -2.60
CA ASP B 2 -5.17 -29.88 -4.02
C ASP B 2 -4.17 -28.74 -4.18
N THR B 3 -3.66 -28.52 -5.38
CA THR B 3 -2.81 -27.37 -5.74
C THR B 3 -3.69 -26.41 -6.52
N ILE B 4 -3.82 -25.16 -6.08
CA ILE B 4 -4.79 -24.20 -6.69
C ILE B 4 -4.07 -22.92 -7.06
N VAL B 5 -4.19 -22.55 -8.34
CA VAL B 5 -3.98 -21.15 -8.82
C VAL B 5 -5.35 -20.63 -9.23
N ALA B 6 -5.72 -19.41 -8.83
CA ALA B 6 -7.09 -18.88 -9.08
C ALA B 6 -7.08 -17.36 -9.27
N VAL B 7 -8.03 -16.86 -10.06
CA VAL B 7 -8.42 -15.42 -10.08
C VAL B 7 -9.79 -15.34 -9.41
N GLU B 8 -9.87 -14.61 -8.29
CA GLU B 8 -11.11 -14.49 -7.49
C GLU B 8 -11.83 -13.16 -7.81
N LEU B 9 -13.13 -13.25 -8.00
CA LEU B 9 -14.04 -12.08 -8.01
C LEU B 9 -14.78 -12.10 -6.68
N ASP B 10 -14.17 -11.50 -5.66
CA ASP B 10 -14.55 -11.61 -4.22
C ASP B 10 -15.51 -10.47 -3.87
N THR B 11 -16.79 -10.78 -3.70
CA THR B 11 -17.86 -9.80 -3.50
C THR B 11 -17.97 -9.44 -2.02
N TYR B 12 -17.35 -10.19 -1.10
CA TYR B 12 -17.55 -10.02 0.37
C TYR B 12 -16.23 -9.90 1.12
N PRO B 13 -16.01 -8.76 1.82
CA PRO B 13 -14.80 -8.53 2.59
C PRO B 13 -14.64 -9.33 3.90
N ASN B 14 -13.83 -10.37 3.92
CA ASN B 14 -13.47 -11.13 5.15
C ASN B 14 -12.16 -10.53 5.67
N THR B 15 -12.24 -9.41 6.40
CA THR B 15 -11.06 -8.60 6.80
C THR B 15 -10.23 -9.36 7.84
N ASP B 16 -10.79 -10.39 8.45
CA ASP B 16 -10.07 -11.20 9.46
C ASP B 16 -9.11 -12.18 8.78
N ILE B 17 -9.28 -12.51 7.49
CA ILE B 17 -8.37 -13.45 6.75
C ILE B 17 -7.70 -12.73 5.58
N GLY B 18 -7.45 -11.42 5.71
CA GLY B 18 -6.52 -10.66 4.84
C GLY B 18 -7.19 -10.03 3.64
N ASP B 19 -8.51 -10.20 3.45
CA ASP B 19 -9.27 -9.47 2.40
C ASP B 19 -9.19 -7.99 2.70
N PRO B 20 -9.05 -7.12 1.67
CA PRO B 20 -9.14 -5.68 1.87
C PRO B 20 -10.61 -5.43 2.21
N SER B 21 -10.94 -4.20 2.61
CA SER B 21 -12.24 -3.83 3.23
C SER B 21 -13.28 -3.47 2.18
N TYR B 22 -13.21 -4.02 0.96
CA TYR B 22 -14.19 -3.74 -0.13
C TYR B 22 -14.23 -4.88 -1.14
N PRO B 23 -15.28 -4.97 -1.99
CA PRO B 23 -15.29 -5.95 -3.08
C PRO B 23 -14.01 -5.78 -3.91
N HIS B 24 -13.36 -6.88 -4.25
CA HIS B 24 -12.07 -6.87 -4.98
C HIS B 24 -11.96 -8.05 -5.95
N ILE B 25 -10.96 -7.99 -6.84
CA ILE B 25 -10.47 -9.15 -7.66
C ILE B 25 -9.09 -9.50 -7.13
N GLY B 26 -8.73 -10.78 -7.11
CA GLY B 26 -7.42 -11.23 -6.57
C GLY B 26 -6.81 -12.37 -7.35
N ILE B 27 -5.49 -12.50 -7.21
CA ILE B 27 -4.67 -13.64 -7.71
C ILE B 27 -4.22 -14.45 -6.49
N ASP B 28 -4.69 -15.69 -6.44
CA ASP B 28 -4.54 -16.66 -5.33
C ASP B 28 -3.57 -17.74 -5.77
N ILE B 29 -2.41 -17.83 -5.13
CA ILE B 29 -1.40 -18.88 -5.40
C ILE B 29 -1.41 -19.81 -4.20
N LYS B 30 -2.21 -20.88 -4.25
CA LYS B 30 -2.25 -21.99 -3.25
C LYS B 30 -2.67 -21.44 -1.88
N SER B 31 -3.34 -20.29 -1.85
CA SER B 31 -3.89 -19.68 -0.63
C SER B 31 -5.07 -18.77 -1.00
N VAL B 32 -6.12 -18.80 -0.18
CA VAL B 32 -7.22 -17.79 -0.22
C VAL B 32 -6.68 -16.37 0.03
N ARG B 33 -5.55 -16.20 0.70
CA ARG B 33 -4.94 -14.87 1.02
C ARG B 33 -4.21 -14.37 -0.22
N SER B 34 -4.86 -13.54 -1.02
CA SER B 34 -4.43 -13.19 -2.39
C SER B 34 -3.01 -12.64 -2.35
N LYS B 35 -2.16 -13.04 -3.29
CA LYS B 35 -0.82 -12.43 -3.49
C LYS B 35 -0.99 -10.96 -3.89
N LYS B 36 -2.06 -10.62 -4.58
CA LYS B 36 -2.31 -9.25 -5.08
C LYS B 36 -3.81 -9.11 -5.27
N THR B 37 -4.36 -7.94 -4.93
CA THR B 37 -5.78 -7.56 -5.15
C THR B 37 -5.85 -6.16 -5.76
N ALA B 38 -7.02 -5.83 -6.26
CA ALA B 38 -7.35 -4.49 -6.78
C ALA B 38 -8.83 -4.27 -6.48
N LYS B 39 -9.23 -3.03 -6.25
CA LYS B 39 -10.61 -2.66 -5.88
C LYS B 39 -11.53 -2.98 -7.06
N TRP B 40 -12.73 -3.46 -6.77
CA TRP B 40 -13.71 -3.93 -7.76
C TRP B 40 -15.09 -3.38 -7.42
N ASN B 41 -15.61 -2.53 -8.29
CA ASN B 41 -16.96 -1.95 -8.16
C ASN B 41 -17.94 -2.95 -8.80
N MET B 42 -18.20 -4.06 -8.11
CA MET B 42 -19.22 -5.09 -8.50
C MET B 42 -20.56 -4.36 -8.64
N GLN B 43 -21.32 -4.65 -9.69
CA GLN B 43 -22.62 -3.99 -10.01
C GLN B 43 -23.74 -5.02 -9.91
N ASN B 44 -24.58 -4.93 -8.89
CA ASN B 44 -25.69 -5.88 -8.61
C ASN B 44 -26.59 -5.95 -9.85
N GLY B 45 -26.74 -7.14 -10.41
CA GLY B 45 -27.74 -7.43 -11.45
C GLY B 45 -27.24 -7.09 -12.85
N LYS B 46 -26.00 -6.62 -12.97
CA LYS B 46 -25.39 -6.28 -14.29
C LYS B 46 -24.56 -7.49 -14.75
N VAL B 47 -24.53 -7.70 -16.06
CA VAL B 47 -23.68 -8.74 -16.71
C VAL B 47 -22.27 -8.19 -16.82
N GLY B 48 -21.30 -8.85 -16.20
CA GLY B 48 -19.87 -8.48 -16.23
C GLY B 48 -19.08 -9.40 -17.14
N THR B 49 -17.84 -9.02 -17.44
CA THR B 49 -16.87 -9.80 -18.25
C THR B 49 -15.59 -9.91 -17.45
N ALA B 50 -15.05 -11.12 -17.32
CA ALA B 50 -13.70 -11.39 -16.76
C ALA B 50 -12.80 -11.88 -17.90
N HIS B 51 -11.56 -11.40 -17.98
CA HIS B 51 -10.54 -11.81 -18.97
C HIS B 51 -9.25 -12.10 -18.19
N ILE B 52 -8.77 -13.35 -18.26
CA ILE B 52 -7.53 -13.80 -17.58
C ILE B 52 -6.49 -14.17 -18.65
N ILE B 53 -5.25 -13.72 -18.48
CA ILE B 53 -4.12 -14.08 -19.39
C ILE B 53 -2.92 -14.48 -18.55
N TYR B 54 -2.31 -15.59 -18.94
CA TYR B 54 -0.93 -15.99 -18.54
C TYR B 54 -0.07 -16.10 -19.79
N ASN B 55 0.95 -15.26 -19.94
CA ASN B 55 1.98 -15.54 -20.98
C ASN B 55 3.28 -15.95 -20.28
N SER B 56 3.89 -17.01 -20.81
CA SER B 56 5.11 -17.67 -20.33
C SER B 56 6.35 -16.84 -20.69
N VAL B 57 6.20 -15.84 -21.57
CA VAL B 57 7.28 -14.87 -21.92
C VAL B 57 7.50 -13.97 -20.69
N ASP B 58 6.49 -13.19 -20.31
CA ASP B 58 6.49 -12.30 -19.12
C ASP B 58 6.50 -13.08 -17.79
N LYS B 59 5.98 -14.32 -17.76
CA LYS B 59 5.76 -15.12 -16.52
C LYS B 59 4.86 -14.34 -15.56
N ARG B 60 3.68 -13.96 -16.03
CA ARG B 60 2.78 -12.97 -15.38
C ARG B 60 1.31 -13.33 -15.67
N LEU B 61 0.52 -13.50 -14.60
CA LEU B 61 -0.94 -13.78 -14.63
C LEU B 61 -1.66 -12.44 -14.43
N SER B 62 -2.55 -12.09 -15.34
CA SER B 62 -3.33 -10.83 -15.32
C SER B 62 -4.81 -11.16 -15.44
N ALA B 63 -5.64 -10.34 -14.82
CA ALA B 63 -7.10 -10.44 -14.86
C ALA B 63 -7.63 -9.03 -15.05
N VAL B 64 -8.59 -8.83 -15.96
CA VAL B 64 -9.35 -7.57 -16.12
C VAL B 64 -10.82 -7.94 -15.95
N VAL B 65 -11.54 -7.21 -15.10
CA VAL B 65 -13.00 -7.44 -14.91
C VAL B 65 -13.74 -6.15 -15.24
N SER B 66 -14.77 -6.21 -16.06
CA SER B 66 -15.46 -5.01 -16.59
C SER B 66 -16.98 -5.19 -16.68
N TYR B 67 -17.64 -4.05 -16.79
CA TYR B 67 -19.08 -3.88 -17.08
C TYR B 67 -19.16 -2.85 -18.20
N PRO B 68 -20.23 -2.83 -19.02
CA PRO B 68 -20.36 -1.84 -20.09
C PRO B 68 -20.39 -0.41 -19.50
N ASN B 69 -19.64 0.51 -20.08
CA ASN B 69 -19.65 1.96 -19.73
C ASN B 69 -19.14 2.20 -18.30
N ALA B 70 -18.17 1.42 -17.80
CA ALA B 70 -17.66 1.53 -16.41
C ALA B 70 -16.14 1.30 -16.37
N ASP B 71 -15.52 1.75 -15.28
CA ASP B 71 -14.08 1.56 -15.01
C ASP B 71 -13.82 0.05 -14.90
N SER B 72 -12.76 -0.41 -15.56
CA SER B 72 -12.19 -1.78 -15.45
C SER B 72 -11.49 -1.89 -14.09
N ALA B 73 -11.43 -3.09 -13.51
CA ALA B 73 -10.47 -3.44 -12.44
C ALA B 73 -9.45 -4.45 -13.01
N THR B 74 -8.16 -4.21 -12.80
CA THR B 74 -7.06 -5.08 -13.28
C THR B 74 -6.13 -5.42 -12.11
N VAL B 75 -5.68 -6.67 -12.08
CA VAL B 75 -4.69 -7.16 -11.08
C VAL B 75 -3.71 -8.05 -11.84
N SER B 76 -2.44 -7.99 -11.48
CA SER B 76 -1.35 -8.77 -12.12
C SER B 76 -0.42 -9.25 -11.04
N TYR B 77 0.22 -10.38 -11.28
CA TYR B 77 1.17 -11.01 -10.36
C TYR B 77 2.17 -11.81 -11.19
N ASP B 78 3.45 -11.51 -11.02
CA ASP B 78 4.57 -12.21 -11.68
C ASP B 78 4.69 -13.57 -11.00
N VAL B 79 4.62 -14.66 -11.77
CA VAL B 79 4.70 -16.03 -11.23
C VAL B 79 5.15 -16.99 -12.34
N ASP B 80 5.95 -17.97 -11.95
CA ASP B 80 6.44 -19.07 -12.84
C ASP B 80 5.60 -20.31 -12.48
N LEU B 81 4.62 -20.65 -13.32
CA LEU B 81 3.54 -21.62 -12.98
C LEU B 81 4.08 -23.05 -13.01
N ASP B 82 5.22 -23.28 -13.65
CA ASP B 82 5.92 -24.59 -13.58
C ASP B 82 6.41 -24.86 -12.14
N ASN B 83 6.70 -23.81 -11.36
CA ASN B 83 7.18 -23.93 -9.96
C ASN B 83 5.99 -24.05 -9.01
N VAL B 84 4.76 -24.05 -9.52
CA VAL B 84 3.52 -24.01 -8.67
C VAL B 84 2.62 -25.22 -8.98
N LEU B 85 2.23 -25.35 -10.24
CA LEU B 85 1.21 -26.34 -10.68
C LEU B 85 1.90 -27.62 -11.16
N PRO B 86 1.19 -28.76 -11.14
CA PRO B 86 1.68 -29.96 -11.79
C PRO B 86 1.60 -29.75 -13.31
N GLU B 87 2.30 -30.61 -14.06
CA GLU B 87 2.47 -30.55 -15.53
C GLU B 87 1.10 -30.62 -16.20
N TRP B 88 0.18 -31.43 -15.66
CA TRP B 88 -1.22 -31.58 -16.16
C TRP B 88 -2.22 -31.03 -15.13
N VAL B 89 -3.23 -30.32 -15.61
CA VAL B 89 -4.21 -29.60 -14.76
C VAL B 89 -5.60 -29.75 -15.38
N ARG B 90 -6.63 -29.49 -14.58
CA ARG B 90 -7.99 -29.13 -15.09
C ARG B 90 -8.24 -27.65 -14.79
N VAL B 91 -8.99 -26.98 -15.66
CA VAL B 91 -9.40 -25.56 -15.51
C VAL B 91 -10.86 -25.58 -15.11
N GLY B 92 -11.27 -24.65 -14.26
CA GLY B 92 -12.64 -24.58 -13.78
C GLY B 92 -13.09 -23.18 -13.41
N LEU B 93 -14.39 -23.07 -13.15
CA LEU B 93 -15.07 -21.95 -12.46
C LEU B 93 -15.64 -22.49 -11.14
N SER B 94 -15.50 -21.75 -10.06
CA SER B 94 -16.03 -22.08 -8.71
C SER B 94 -16.80 -20.89 -8.13
N ALA B 95 -17.79 -21.12 -7.28
CA ALA B 95 -18.54 -20.03 -6.59
C ALA B 95 -19.07 -20.56 -5.26
N SER B 96 -19.36 -19.63 -4.35
CA SER B 96 -19.88 -19.90 -3.00
C SER B 96 -20.77 -18.78 -2.47
N THR B 97 -21.59 -19.13 -1.49
CA THR B 97 -22.38 -18.23 -0.62
C THR B 97 -22.20 -18.74 0.81
N GLY B 98 -22.54 -17.91 1.78
CA GLY B 98 -22.31 -18.18 3.21
C GLY B 98 -23.56 -17.83 3.98
N LEU B 99 -23.46 -17.05 5.03
CA LEU B 99 -24.63 -16.35 5.62
C LEU B 99 -25.25 -15.46 4.56
N TYR B 100 -24.43 -14.76 3.77
CA TYR B 100 -24.90 -13.85 2.70
C TYR B 100 -24.78 -14.59 1.37
N LYS B 101 -25.52 -14.13 0.36
CA LYS B 101 -25.95 -14.94 -0.80
C LYS B 101 -26.00 -14.05 -2.05
N GLU B 102 -25.71 -14.65 -3.19
CA GLU B 102 -25.85 -14.06 -4.53
C GLU B 102 -26.11 -15.21 -5.51
N THR B 103 -26.74 -14.93 -6.64
CA THR B 103 -26.70 -15.80 -7.84
C THR B 103 -25.27 -15.77 -8.37
N ASN B 104 -24.72 -16.93 -8.75
CA ASN B 104 -23.38 -17.01 -9.39
C ASN B 104 -23.58 -17.62 -10.79
N THR B 105 -24.18 -16.84 -11.67
CA THR B 105 -24.65 -17.28 -13.00
C THR B 105 -23.54 -17.02 -14.01
N ILE B 106 -23.20 -18.02 -14.81
CA ILE B 106 -22.16 -17.90 -15.86
C ILE B 106 -22.86 -18.03 -17.22
N LEU B 107 -22.80 -16.98 -18.04
CA LEU B 107 -23.56 -16.88 -19.31
C LEU B 107 -22.70 -17.44 -20.45
N SER B 108 -21.38 -17.39 -20.29
CA SER B 108 -20.44 -17.91 -21.30
C SER B 108 -19.06 -18.08 -20.68
N TRP B 109 -18.23 -18.87 -21.33
CA TRP B 109 -16.89 -19.25 -20.83
C TRP B 109 -16.09 -19.78 -22.00
N SER B 110 -14.91 -19.21 -22.25
CA SER B 110 -13.98 -19.71 -23.29
C SER B 110 -12.57 -19.78 -22.71
N PHE B 111 -11.73 -20.64 -23.29
CA PHE B 111 -10.38 -20.96 -22.79
C PHE B 111 -9.50 -21.46 -23.95
N THR B 112 -8.27 -20.95 -23.99
CA THR B 112 -7.25 -21.33 -24.98
C THR B 112 -5.93 -21.53 -24.22
N SER B 113 -5.24 -22.59 -24.58
CA SER B 113 -3.92 -22.97 -24.05
C SER B 113 -3.03 -23.29 -25.25
N LYS B 114 -1.83 -22.73 -25.28
CA LYS B 114 -0.81 -22.96 -26.35
C LYS B 114 0.51 -23.26 -25.65
N LEU B 115 1.06 -24.42 -25.96
CA LEU B 115 2.32 -24.98 -25.40
C LEU B 115 3.35 -25.05 -26.54
N LYS B 116 4.11 -23.97 -26.72
CA LYS B 116 5.12 -23.76 -27.80
C LYS B 116 6.43 -24.41 -27.39
N SER B 117 6.76 -25.56 -27.99
CA SER B 117 7.76 -26.56 -27.52
C SER B 117 9.21 -26.11 -27.82
N ASN B 118 10.19 -26.87 -27.28
CA ASN B 118 11.61 -26.48 -27.05
C ASN B 118 12.47 -26.76 -28.30
N SER B 119 12.66 -28.04 -28.64
CA SER B 119 13.59 -28.54 -29.70
C SER B 119 12.91 -28.53 -31.08
N THR B 120 11.61 -28.87 -31.16
CA THR B 120 10.81 -29.00 -32.42
C THR B 120 10.32 -27.62 -32.88
N HIS B 121 10.06 -26.69 -31.94
CA HIS B 121 9.70 -25.26 -32.20
C HIS B 121 8.29 -25.15 -32.81
N GLU B 122 7.31 -25.92 -32.29
CA GLU B 122 5.89 -25.93 -32.74
C GLU B 122 4.96 -26.07 -31.52
N THR B 123 3.64 -25.98 -31.71
CA THR B 123 2.64 -25.80 -30.62
C THR B 123 1.64 -26.97 -30.54
N ASN B 124 1.39 -27.43 -29.31
CA ASN B 124 0.16 -28.14 -28.89
C ASN B 124 -0.82 -27.13 -28.30
N ALA B 125 -2.10 -27.27 -28.62
CA ALA B 125 -3.15 -26.28 -28.25
C ALA B 125 -4.44 -27.01 -27.90
N LEU B 126 -5.17 -26.46 -26.91
CA LEU B 126 -6.59 -26.75 -26.60
C LEU B 126 -7.35 -25.42 -26.61
N HIS B 127 -8.59 -25.44 -27.04
CA HIS B 127 -9.51 -24.29 -27.01
C HIS B 127 -10.94 -24.79 -26.88
N PHE B 128 -11.73 -24.19 -25.99
CA PHE B 128 -13.17 -24.48 -25.88
C PHE B 128 -13.89 -23.15 -25.76
N MET B 129 -15.13 -23.11 -26.23
CA MET B 129 -16.02 -21.94 -26.18
C MET B 129 -17.43 -22.40 -25.84
N PHE B 130 -17.97 -21.97 -24.70
CA PHE B 130 -19.39 -22.17 -24.34
C PHE B 130 -20.11 -20.82 -24.36
N ASN B 131 -20.97 -20.59 -25.35
CA ASN B 131 -21.87 -19.40 -25.43
C ASN B 131 -23.25 -19.79 -24.92
N GLN B 132 -23.57 -21.08 -24.89
CA GLN B 132 -24.83 -21.63 -24.31
C GLN B 132 -24.48 -22.96 -23.63
N PHE B 133 -24.96 -23.16 -22.41
CA PHE B 133 -24.78 -24.42 -21.66
C PHE B 133 -26.07 -25.24 -21.82
N SER B 134 -25.99 -26.57 -21.80
CA SER B 134 -27.15 -27.48 -21.97
C SER B 134 -27.38 -28.28 -20.70
N LYS B 135 -28.60 -28.80 -20.54
CA LYS B 135 -29.10 -29.54 -19.35
C LYS B 135 -28.25 -30.80 -19.10
N ASP B 136 -27.71 -31.43 -20.14
CA ASP B 136 -26.83 -32.61 -19.98
C ASP B 136 -25.47 -32.34 -20.67
N GLN B 137 -24.59 -31.61 -19.98
CA GLN B 137 -23.36 -31.01 -20.55
C GLN B 137 -22.18 -31.95 -20.32
N LYS B 138 -21.93 -32.88 -21.25
CA LYS B 138 -21.04 -34.05 -20.99
C LYS B 138 -19.57 -33.63 -21.04
N ASP B 139 -19.23 -32.42 -21.49
CA ASP B 139 -17.81 -31.96 -21.49
C ASP B 139 -17.49 -31.13 -20.22
N LEU B 140 -18.43 -31.03 -19.28
CA LEU B 140 -18.21 -30.36 -17.96
C LEU B 140 -18.35 -31.41 -16.86
N ILE B 141 -17.51 -31.33 -15.84
CA ILE B 141 -17.68 -32.06 -14.57
C ILE B 141 -18.30 -31.07 -13.60
N LEU B 142 -19.59 -31.21 -13.29
CA LEU B 142 -20.27 -30.36 -12.30
C LEU B 142 -19.97 -30.91 -10.90
N GLN B 143 -19.63 -30.04 -9.94
CA GLN B 143 -19.31 -30.44 -8.55
C GLN B 143 -20.19 -29.64 -7.61
N GLY B 144 -20.58 -30.23 -6.49
CA GLY B 144 -21.40 -29.59 -5.44
C GLY B 144 -22.79 -29.28 -5.96
N ASP B 145 -23.20 -28.01 -5.90
CA ASP B 145 -24.56 -27.52 -6.24
C ASP B 145 -24.63 -27.02 -7.68
N ALA B 146 -23.56 -27.08 -8.46
CA ALA B 146 -23.52 -26.47 -9.83
C ALA B 146 -24.50 -27.21 -10.76
N THR B 147 -25.33 -26.46 -11.53
CA THR B 147 -26.28 -27.00 -12.55
C THR B 147 -26.18 -26.18 -13.84
N THR B 148 -26.56 -26.79 -14.97
CA THR B 148 -26.63 -26.18 -16.33
C THR B 148 -28.04 -26.39 -16.88
N GLY B 149 -28.50 -25.56 -17.82
CA GLY B 149 -29.71 -25.83 -18.64
C GLY B 149 -30.78 -24.76 -18.52
N THR B 150 -30.84 -24.10 -17.35
CA THR B 150 -31.70 -22.93 -17.04
C THR B 150 -31.27 -21.73 -17.90
N ASP B 151 -32.04 -21.42 -18.97
CA ASP B 151 -31.82 -20.26 -19.88
C ASP B 151 -30.46 -20.39 -20.60
N GLY B 152 -29.95 -21.62 -20.74
CA GLY B 152 -28.67 -21.91 -21.39
C GLY B 152 -27.52 -21.45 -20.54
N ASN B 153 -27.72 -21.34 -19.23
CA ASN B 153 -26.73 -20.77 -18.28
C ASN B 153 -26.14 -21.84 -17.39
N LEU B 154 -24.96 -21.56 -16.84
CA LEU B 154 -24.30 -22.34 -15.76
C LEU B 154 -24.53 -21.63 -14.42
N GLU B 155 -25.28 -22.26 -13.52
CA GLU B 155 -25.56 -21.78 -12.14
C GLU B 155 -24.64 -22.50 -11.15
N LEU B 156 -23.58 -21.83 -10.74
CA LEU B 156 -22.53 -22.42 -9.89
C LEU B 156 -23.11 -22.69 -8.49
N THR B 157 -23.99 -21.85 -7.97
CA THR B 157 -24.62 -22.01 -6.63
C THR B 157 -26.13 -22.19 -6.78
N ARG B 158 -26.78 -22.73 -5.74
CA ARG B 158 -28.25 -22.96 -5.67
C ARG B 158 -29.01 -21.64 -5.85
N VAL B 159 -29.85 -21.59 -6.87
CA VAL B 159 -30.91 -20.56 -7.04
C VAL B 159 -32.24 -21.32 -7.08
N SER B 160 -33.25 -20.87 -6.33
CA SER B 160 -34.66 -21.36 -6.39
C SER B 160 -35.23 -21.05 -7.77
N SER B 161 -36.36 -21.67 -8.12
CA SER B 161 -37.04 -21.47 -9.43
C SER B 161 -37.39 -19.99 -9.60
N ASN B 162 -37.80 -19.30 -8.52
CA ASN B 162 -38.22 -17.87 -8.56
C ASN B 162 -37.00 -16.94 -8.57
N GLY B 163 -35.78 -17.49 -8.51
CA GLY B 163 -34.53 -16.74 -8.75
C GLY B 163 -33.84 -16.29 -7.47
N SER B 164 -34.25 -16.80 -6.31
CA SER B 164 -33.66 -16.45 -4.99
C SER B 164 -32.43 -17.30 -4.73
N PRO B 165 -31.23 -16.70 -4.64
CA PRO B 165 -30.04 -17.47 -4.30
C PRO B 165 -30.19 -17.94 -2.84
N GLN B 166 -29.52 -19.07 -2.53
CA GLN B 166 -29.47 -19.72 -1.20
C GLN B 166 -28.08 -19.54 -0.61
N GLY B 167 -28.01 -19.40 0.71
CA GLY B 167 -26.76 -19.31 1.47
C GLY B 167 -26.16 -20.68 1.65
N SER B 168 -24.92 -20.71 2.17
CA SER B 168 -24.17 -21.95 2.49
C SER B 168 -24.17 -22.89 1.27
N SER B 169 -23.93 -22.34 0.07
CA SER B 169 -23.90 -23.09 -1.21
C SER B 169 -22.48 -23.07 -1.78
N VAL B 170 -22.11 -24.13 -2.49
CA VAL B 170 -20.81 -24.22 -3.21
C VAL B 170 -21.00 -25.09 -4.46
N GLY B 171 -20.39 -24.68 -5.56
CA GLY B 171 -20.49 -25.39 -6.85
C GLY B 171 -19.31 -25.05 -7.74
N ARG B 172 -18.96 -25.97 -8.63
CA ARG B 172 -17.82 -25.79 -9.55
C ARG B 172 -18.16 -26.46 -10.87
N ALA B 173 -17.55 -25.98 -11.94
CA ALA B 173 -17.55 -26.62 -13.28
C ALA B 173 -16.11 -26.73 -13.74
N LEU B 174 -15.66 -27.93 -14.07
CA LEU B 174 -14.33 -28.16 -14.64
C LEU B 174 -14.49 -28.67 -16.08
N PHE B 175 -13.59 -28.26 -16.96
CA PHE B 175 -13.57 -28.82 -18.32
C PHE B 175 -13.10 -30.29 -18.22
N TYR B 176 -13.77 -31.17 -18.93
CA TYR B 176 -13.60 -32.64 -18.82
C TYR B 176 -12.14 -33.02 -19.10
N ALA B 177 -11.47 -32.33 -20.01
CA ALA B 177 -10.13 -32.73 -20.52
C ALA B 177 -9.03 -32.08 -19.69
N PRO B 178 -8.05 -32.87 -19.19
CA PRO B 178 -6.81 -32.30 -18.72
C PRO B 178 -6.12 -31.40 -19.76
N VAL B 179 -5.38 -30.41 -19.26
CA VAL B 179 -4.67 -29.41 -20.08
C VAL B 179 -3.18 -29.58 -19.80
N HIS B 180 -2.34 -29.49 -20.81
CA HIS B 180 -0.87 -29.61 -20.65
C HIS B 180 -0.31 -28.20 -20.44
N ILE B 181 0.13 -27.89 -19.22
CA ILE B 181 0.34 -26.48 -18.76
C ILE B 181 1.83 -26.13 -18.79
N TRP B 182 2.73 -27.11 -18.61
CA TRP B 182 4.18 -26.97 -18.89
C TRP B 182 4.82 -28.33 -19.19
N GLU B 183 6.04 -28.30 -19.75
CA GLU B 183 6.86 -29.49 -20.09
C GLU B 183 8.20 -29.47 -19.33
N SER B 184 8.89 -28.32 -19.29
CA SER B 184 10.10 -28.07 -18.45
C SER B 184 10.16 -26.59 -18.07
N SER B 185 11.24 -26.13 -17.43
CA SER B 185 11.52 -24.68 -17.17
C SER B 185 11.48 -23.91 -18.49
N ALA B 186 11.94 -24.55 -19.58
CA ALA B 186 12.14 -23.93 -20.91
C ALA B 186 10.84 -23.86 -21.73
N VAL B 187 9.77 -24.54 -21.29
CA VAL B 187 8.51 -24.68 -22.09
C VAL B 187 7.30 -24.66 -21.14
N VAL B 188 6.66 -23.49 -21.04
CA VAL B 188 5.44 -23.24 -20.21
C VAL B 188 4.31 -22.69 -21.11
N ALA B 189 3.10 -23.21 -20.97
CA ALA B 189 1.91 -22.79 -21.74
C ALA B 189 1.61 -21.31 -21.48
N SER B 190 1.29 -20.56 -22.53
CA SER B 190 0.42 -19.36 -22.46
C SER B 190 -1.05 -19.81 -22.43
N PHE B 191 -1.89 -19.15 -21.64
CA PHE B 191 -3.34 -19.41 -21.67
C PHE B 191 -4.11 -18.11 -21.48
N GLU B 192 -5.38 -18.20 -21.86
CA GLU B 192 -6.37 -17.08 -21.89
C GLU B 192 -7.75 -17.69 -21.56
N ALA B 193 -8.52 -17.01 -20.74
CA ALA B 193 -9.87 -17.45 -20.32
C ALA B 193 -10.76 -16.23 -20.30
N THR B 194 -11.97 -16.36 -20.83
CA THR B 194 -12.98 -15.28 -20.77
C THR B 194 -14.26 -15.93 -20.26
N PHE B 195 -14.99 -15.22 -19.40
CA PHE B 195 -16.36 -15.60 -18.97
C PHE B 195 -17.18 -14.34 -18.69
N THR B 196 -18.48 -14.41 -18.99
CA THR B 196 -19.51 -13.43 -18.58
C THR B 196 -20.29 -14.01 -17.41
N PHE B 197 -20.69 -13.16 -16.48
CA PHE B 197 -21.41 -13.56 -15.24
C PHE B 197 -22.48 -12.52 -14.91
N LEU B 198 -23.48 -12.98 -14.18
CA LEU B 198 -24.48 -12.12 -13.51
C LEU B 198 -24.46 -12.45 -12.01
N ILE B 199 -23.99 -11.51 -11.19
CA ILE B 199 -24.09 -11.59 -9.71
C ILE B 199 -25.23 -10.67 -9.24
N LYS B 200 -26.31 -11.26 -8.76
CA LYS B 200 -27.58 -10.61 -8.32
C LYS B 200 -27.86 -11.02 -6.86
N SER B 201 -28.23 -10.07 -6.02
CA SER B 201 -28.51 -10.29 -4.59
C SER B 201 -29.59 -9.29 -4.16
N PRO B 202 -30.64 -9.72 -3.42
CA PRO B 202 -31.53 -8.78 -2.72
C PRO B 202 -31.01 -8.39 -1.31
N ASP B 203 -30.07 -9.17 -0.78
CA ASP B 203 -29.29 -8.86 0.46
C ASP B 203 -28.69 -7.44 0.39
N SER B 204 -28.44 -6.85 1.56
CA SER B 204 -27.55 -5.67 1.76
C SER B 204 -26.19 -5.99 1.12
N HIS B 205 -25.59 -7.09 1.57
CA HIS B 205 -24.26 -7.58 1.13
C HIS B 205 -24.44 -8.79 0.21
N PRO B 206 -24.00 -8.75 -1.06
CA PRO B 206 -23.74 -9.97 -1.80
C PRO B 206 -22.54 -10.73 -1.18
N ALA B 207 -22.54 -12.05 -1.29
CA ALA B 207 -21.42 -12.96 -0.95
C ALA B 207 -21.63 -14.31 -1.63
N ASP B 208 -20.56 -15.04 -1.91
CA ASP B 208 -19.19 -14.74 -1.52
C ASP B 208 -18.29 -14.47 -2.74
N GLY B 209 -18.62 -14.99 -3.91
CA GLY B 209 -17.83 -14.71 -5.12
C GLY B 209 -17.72 -15.87 -6.09
N ILE B 210 -17.09 -15.60 -7.23
CA ILE B 210 -16.80 -16.53 -8.35
C ILE B 210 -15.29 -16.55 -8.52
N ALA B 211 -14.73 -17.69 -8.92
CA ALA B 211 -13.29 -17.82 -9.21
C ALA B 211 -13.08 -18.64 -10.48
N PHE B 212 -12.12 -18.24 -11.29
CA PHE B 212 -11.51 -19.11 -12.33
C PHE B 212 -10.29 -19.76 -11.69
N PHE B 213 -10.18 -21.08 -11.74
CA PHE B 213 -9.09 -21.82 -11.05
C PHE B 213 -8.48 -22.85 -11.99
N ILE B 214 -7.17 -23.05 -11.83
CA ILE B 214 -6.38 -24.18 -12.35
C ILE B 214 -6.04 -25.07 -11.15
N SER B 215 -6.28 -26.37 -11.28
CA SER B 215 -6.04 -27.34 -10.18
C SER B 215 -5.34 -28.57 -10.73
N ASN B 216 -4.91 -29.45 -9.81
CA ASN B 216 -4.61 -30.87 -10.09
C ASN B 216 -5.87 -31.52 -10.68
N ILE B 217 -5.67 -32.51 -11.57
CA ILE B 217 -6.72 -33.11 -12.44
C ILE B 217 -7.82 -33.74 -11.55
N ASP B 218 -7.43 -34.29 -10.40
CA ASP B 218 -8.31 -35.06 -9.47
C ASP B 218 -8.97 -34.12 -8.43
N SER B 219 -8.91 -32.79 -8.60
CA SER B 219 -9.43 -31.79 -7.63
C SER B 219 -10.94 -31.97 -7.34
N SER B 220 -11.32 -31.87 -6.07
CA SER B 220 -12.74 -31.83 -5.63
C SER B 220 -12.95 -30.69 -4.62
N ILE B 221 -14.22 -30.39 -4.34
CA ILE B 221 -14.60 -29.33 -3.37
C ILE B 221 -14.09 -29.74 -2.00
N PRO B 222 -13.17 -29.00 -1.35
CA PRO B 222 -12.74 -29.35 0.00
C PRO B 222 -13.91 -29.22 0.99
N SER B 223 -13.98 -30.15 1.96
CA SER B 223 -14.85 -30.08 3.16
C SER B 223 -14.84 -28.65 3.74
N GLY B 224 -16.01 -28.08 4.00
CA GLY B 224 -16.15 -26.80 4.72
C GLY B 224 -15.65 -25.61 3.93
N SER B 225 -15.63 -25.68 2.58
CA SER B 225 -15.11 -24.62 1.68
C SER B 225 -16.25 -23.71 1.19
N THR B 226 -17.42 -23.76 1.80
CA THR B 226 -18.49 -22.78 1.48
C THR B 226 -18.02 -21.41 1.96
N GLY B 227 -18.77 -20.37 1.59
CA GLY B 227 -18.52 -18.97 1.97
C GLY B 227 -17.16 -18.48 1.51
N ARG B 228 -16.36 -17.97 2.45
CA ARG B 228 -15.19 -17.11 2.18
C ARG B 228 -14.08 -17.87 1.43
N LEU B 229 -14.12 -19.19 1.44
CA LEU B 229 -13.07 -20.09 0.88
C LEU B 229 -13.39 -20.46 -0.58
N LEU B 230 -14.56 -20.04 -1.08
CA LEU B 230 -14.91 -19.92 -2.52
C LEU B 230 -14.94 -21.29 -3.21
N GLY B 231 -15.11 -22.36 -2.44
CA GLY B 231 -15.09 -23.76 -2.94
C GLY B 231 -13.70 -24.21 -3.32
N LEU B 232 -12.66 -23.50 -2.92
CA LEU B 232 -11.27 -23.69 -3.45
C LEU B 232 -10.29 -24.25 -2.41
N PHE B 233 -10.37 -23.82 -1.15
CA PHE B 233 -9.34 -24.08 -0.13
C PHE B 233 -9.98 -24.73 1.07
N PRO B 234 -9.25 -25.64 1.76
CA PRO B 234 -9.81 -26.35 2.91
C PRO B 234 -9.79 -25.49 4.18
N ASP B 235 -8.92 -24.45 4.22
CA ASP B 235 -8.79 -23.49 5.34
C ASP B 235 -8.33 -22.11 4.83
N ALA B 236 -8.15 -21.14 5.75
CA ALA B 236 -7.90 -19.71 5.45
C ALA B 236 -6.41 -19.37 5.62
N ASN B 237 -5.54 -20.39 5.59
CA ASN B 237 -4.06 -20.23 5.56
C ASN B 237 -3.64 -19.46 4.31
N ALA C 1 -8.97 4.71 2.71
CA ALA C 1 -10.45 4.72 2.98
C ALA C 1 -11.03 6.02 2.41
N ASP C 2 -12.33 6.25 2.59
CA ASP C 2 -13.01 7.46 2.09
C ASP C 2 -12.34 8.71 2.69
N THR C 3 -12.45 9.84 1.99
CA THR C 3 -12.32 11.21 2.52
C THR C 3 -13.72 11.83 2.39
N ILE C 4 -14.34 12.19 3.51
CA ILE C 4 -15.71 12.78 3.58
C ILE C 4 -15.61 14.22 4.08
N VAL C 5 -16.31 15.12 3.39
CA VAL C 5 -16.73 16.45 3.88
C VAL C 5 -18.26 16.39 3.95
N ALA C 6 -18.87 16.78 5.08
CA ALA C 6 -20.34 16.81 5.18
C ALA C 6 -20.85 17.95 6.05
N VAL C 7 -22.10 18.29 5.81
CA VAL C 7 -22.94 19.07 6.76
C VAL C 7 -23.92 18.12 7.42
N GLU C 8 -23.83 17.97 8.74
CA GLU C 8 -24.72 17.02 9.45
C GLU C 8 -25.84 17.84 10.09
N LEU C 9 -27.06 17.31 10.00
CA LEU C 9 -28.24 17.68 10.80
C LEU C 9 -28.39 16.59 11.85
N ASP C 10 -27.75 16.78 13.00
CA ASP C 10 -27.55 15.73 14.03
C ASP C 10 -28.68 15.84 15.07
N THR C 11 -29.59 14.85 15.09
CA THR C 11 -30.82 14.91 15.92
C THR C 11 -30.55 14.36 17.33
N TYR C 12 -29.45 13.62 17.55
CA TYR C 12 -29.25 12.83 18.79
C TYR C 12 -27.89 13.12 19.41
N PRO C 13 -27.84 13.66 20.65
CA PRO C 13 -26.57 14.03 21.28
C PRO C 13 -25.74 12.83 21.77
N ASN C 14 -24.61 12.55 21.12
CA ASN C 14 -23.65 11.48 21.46
C ASN C 14 -22.47 12.16 22.16
N THR C 15 -22.63 12.54 23.42
CA THR C 15 -21.73 13.49 24.12
C THR C 15 -20.37 12.81 24.36
N ASP C 16 -20.31 11.48 24.36
CA ASP C 16 -19.06 10.69 24.54
C ASP C 16 -18.15 10.75 23.30
N ILE C 17 -18.60 11.32 22.18
CA ILE C 17 -17.73 11.51 20.98
C ILE C 17 -17.82 12.96 20.48
N GLY C 18 -18.03 13.92 21.38
CA GLY C 18 -17.77 15.34 21.14
C GLY C 18 -18.99 16.13 20.73
N ASP C 19 -20.16 15.49 20.56
CA ASP C 19 -21.42 16.19 20.25
C ASP C 19 -21.76 17.10 21.43
N PRO C 20 -22.32 18.31 21.20
CA PRO C 20 -22.91 19.08 22.29
C PRO C 20 -24.16 18.34 22.80
N SER C 21 -24.74 18.82 23.90
CA SER C 21 -25.83 18.16 24.65
C SER C 21 -27.21 18.49 24.06
N TYR C 22 -27.27 18.93 22.80
CA TYR C 22 -28.54 19.27 22.12
C TYR C 22 -28.47 18.88 20.62
N PRO C 23 -29.64 18.80 19.94
CA PRO C 23 -29.68 18.68 18.48
C PRO C 23 -28.94 19.87 17.86
N HIS C 24 -28.14 19.60 16.82
CA HIS C 24 -27.14 20.56 16.30
C HIS C 24 -26.96 20.36 14.79
N ILE C 25 -26.48 21.38 14.11
CA ILE C 25 -25.89 21.25 12.75
C ILE C 25 -24.38 21.35 12.92
N GLY C 26 -23.65 20.71 12.05
CA GLY C 26 -22.19 20.76 12.13
C GLY C 26 -21.57 20.61 10.78
N ILE C 27 -20.31 21.01 10.67
CA ILE C 27 -19.44 20.75 9.50
C ILE C 27 -18.45 19.65 9.89
N ASP C 28 -18.47 18.55 9.14
CA ASP C 28 -17.62 17.36 9.38
C ASP C 28 -16.59 17.23 8.25
N ILE C 29 -15.31 17.33 8.58
CA ILE C 29 -14.18 17.15 7.65
C ILE C 29 -13.36 15.97 8.13
N LYS C 30 -13.41 14.85 7.39
CA LYS C 30 -12.54 13.67 7.60
C LYS C 30 -12.83 12.97 8.94
N SER C 31 -13.93 13.31 9.61
CA SER C 31 -14.27 12.83 10.97
C SER C 31 -15.69 13.24 11.33
N VAL C 32 -16.40 12.36 12.04
CA VAL C 32 -17.76 12.61 12.59
C VAL C 32 -17.70 13.66 13.70
N ARG C 33 -16.53 13.90 14.32
CA ARG C 33 -16.38 14.94 15.37
C ARG C 33 -16.29 16.29 14.68
N SER C 34 -17.41 17.02 14.64
CA SER C 34 -17.61 18.25 13.85
C SER C 34 -16.49 19.24 14.12
N LYS C 35 -16.03 19.92 13.07
CA LYS C 35 -15.05 21.03 13.22
C LYS C 35 -15.75 22.31 13.75
N LYS C 36 -17.07 22.41 13.57
CA LYS C 36 -17.89 23.53 14.09
C LYS C 36 -19.34 23.04 14.16
N THR C 37 -20.07 23.48 15.18
CA THR C 37 -21.47 23.09 15.44
C THR C 37 -22.27 24.30 15.92
N ALA C 38 -23.59 24.25 15.74
CA ALA C 38 -24.49 25.26 16.32
C ALA C 38 -25.75 24.51 16.74
N LYS C 39 -26.35 24.94 17.84
CA LYS C 39 -27.63 24.43 18.37
C LYS C 39 -28.69 24.52 17.27
N TRP C 40 -29.48 23.46 17.17
CA TRP C 40 -30.57 23.32 16.18
C TRP C 40 -31.84 22.92 16.87
N ASN C 41 -32.87 23.77 16.83
CA ASN C 41 -34.24 23.42 17.30
C ASN C 41 -34.97 22.67 16.17
N MET C 42 -34.62 21.39 16.00
CA MET C 42 -35.37 20.42 15.15
C MET C 42 -36.83 20.43 15.63
N GLN C 43 -37.79 20.45 14.70
CA GLN C 43 -39.24 20.46 14.98
C GLN C 43 -39.81 19.18 14.43
N ASN C 44 -40.08 18.23 15.33
CA ASN C 44 -40.64 16.90 15.04
C ASN C 44 -41.87 17.09 14.16
N GLY C 45 -41.90 16.46 13.00
CA GLY C 45 -43.11 16.37 12.16
C GLY C 45 -43.22 17.52 11.20
N LYS C 46 -42.22 18.41 11.11
CA LYS C 46 -42.35 19.61 10.23
C LYS C 46 -41.28 19.56 9.12
N VAL C 47 -41.62 20.15 7.97
CA VAL C 47 -40.78 20.28 6.74
C VAL C 47 -39.83 21.46 6.95
N GLY C 48 -38.54 21.19 6.97
CA GLY C 48 -37.48 22.21 7.00
C GLY C 48 -36.71 22.25 5.70
N THR C 49 -35.81 23.22 5.63
CA THR C 49 -34.98 23.55 4.45
C THR C 49 -33.51 23.70 4.88
N ALA C 50 -32.63 23.04 4.14
CA ALA C 50 -31.18 23.14 4.32
C ALA C 50 -30.62 23.83 3.09
N HIS C 51 -29.83 24.87 3.33
CA HIS C 51 -29.11 25.64 2.31
C HIS C 51 -27.63 25.56 2.65
N ILE C 52 -26.82 25.06 1.71
CA ILE C 52 -25.36 24.84 1.89
C ILE C 52 -24.62 25.53 0.74
N ILE C 53 -23.60 26.32 1.05
CA ILE C 53 -22.75 26.99 0.03
C ILE C 53 -21.29 26.73 0.39
N TYR C 54 -20.50 26.31 -0.60
CA TYR C 54 -19.02 26.39 -0.63
C TYR C 54 -18.65 27.53 -1.58
N ASN C 55 -18.09 28.60 -1.02
CA ASN C 55 -17.66 29.79 -1.79
C ASN C 55 -16.14 29.68 -1.99
N SER C 56 -15.67 29.42 -3.22
CA SER C 56 -14.22 29.22 -3.52
C SER C 56 -13.43 30.51 -3.31
N VAL C 57 -14.07 31.68 -3.43
CA VAL C 57 -13.43 33.02 -3.24
C VAL C 57 -12.91 33.12 -1.80
N ASP C 58 -13.72 32.72 -0.81
CA ASP C 58 -13.42 32.76 0.65
C ASP C 58 -12.83 31.44 1.17
N LYS C 59 -12.99 30.34 0.45
CA LYS C 59 -12.59 29.00 0.95
C LYS C 59 -13.45 28.69 2.18
N ARG C 60 -14.73 29.06 2.13
CA ARG C 60 -15.68 28.98 3.27
C ARG C 60 -16.84 28.03 2.92
N LEU C 61 -17.03 26.99 3.72
CA LEU C 61 -18.23 26.11 3.74
C LEU C 61 -19.23 26.66 4.75
N SER C 62 -20.47 26.90 4.30
CA SER C 62 -21.58 27.50 5.08
C SER C 62 -22.79 26.61 4.97
N ALA C 63 -23.63 26.61 6.00
CA ALA C 63 -24.93 25.92 5.99
C ALA C 63 -25.95 26.70 6.83
N VAL C 64 -27.18 26.75 6.36
CA VAL C 64 -28.31 27.32 7.15
C VAL C 64 -29.46 26.32 7.14
N VAL C 65 -30.04 26.06 8.30
CA VAL C 65 -31.20 25.13 8.43
C VAL C 65 -32.35 25.87 9.07
N SER C 66 -33.50 25.83 8.42
CA SER C 66 -34.66 26.67 8.83
C SER C 66 -35.98 25.93 8.62
N TYR C 67 -36.98 26.39 9.35
CA TYR C 67 -38.42 26.03 9.29
C TYR C 67 -39.18 27.32 9.03
N PRO C 68 -40.35 27.31 8.35
CA PRO C 68 -41.15 28.52 8.22
C PRO C 68 -41.44 29.06 9.64
N ASN C 69 -41.47 30.40 9.82
CA ASN C 69 -41.78 31.05 11.13
C ASN C 69 -40.92 30.49 12.29
N ALA C 70 -39.59 30.39 12.11
CA ALA C 70 -38.63 30.18 13.22
C ALA C 70 -37.26 30.70 12.78
N ASP C 71 -36.39 31.02 13.73
CA ASP C 71 -35.00 31.48 13.43
C ASP C 71 -34.22 30.29 12.87
N SER C 72 -33.22 30.57 12.05
CA SER C 72 -32.38 29.53 11.42
C SER C 72 -31.27 29.15 12.40
N ALA C 73 -30.63 28.03 12.15
CA ALA C 73 -29.32 27.67 12.75
C ALA C 73 -28.31 27.69 11.60
N THR C 74 -27.15 28.26 11.86
CA THR C 74 -26.10 28.42 10.83
C THR C 74 -24.73 28.11 11.42
N VAL C 75 -23.83 27.73 10.53
CA VAL C 75 -22.49 27.21 10.86
C VAL C 75 -21.62 27.39 9.61
N SER C 76 -20.38 27.81 9.82
CA SER C 76 -19.42 28.21 8.77
C SER C 76 -18.02 27.76 9.20
N TYR C 77 -17.16 27.40 8.23
CA TYR C 77 -15.78 26.91 8.47
C TYR C 77 -14.93 27.11 7.22
N ASP C 78 -13.77 27.74 7.37
CA ASP C 78 -12.79 27.95 6.26
C ASP C 78 -12.09 26.61 6.04
N VAL C 79 -12.09 26.11 4.82
CA VAL C 79 -11.38 24.85 4.42
C VAL C 79 -11.06 24.95 2.92
N ASP C 80 -9.82 24.65 2.54
CA ASP C 80 -9.39 24.46 1.13
C ASP C 80 -9.72 23.03 0.70
N LEU C 81 -10.70 22.83 -0.19
CA LEU C 81 -11.19 21.49 -0.59
C LEU C 81 -10.05 20.67 -1.22
N ASP C 82 -9.10 21.30 -1.89
CA ASP C 82 -7.95 20.59 -2.52
C ASP C 82 -7.00 19.96 -1.46
N ASN C 83 -7.15 20.28 -0.18
CA ASN C 83 -6.37 19.69 0.95
C ASN C 83 -7.08 18.49 1.57
N VAL C 84 -8.35 18.24 1.23
CA VAL C 84 -9.22 17.23 1.91
C VAL C 84 -9.66 16.15 0.91
N LEU C 85 -10.23 16.55 -0.24
CA LEU C 85 -10.97 15.68 -1.19
C LEU C 85 -10.14 15.44 -2.45
N PRO C 86 -10.40 14.37 -3.22
CA PRO C 86 -9.84 14.22 -4.57
C PRO C 86 -10.47 15.22 -5.54
N GLU C 87 -9.83 15.37 -6.70
CA GLU C 87 -10.22 16.27 -7.84
C GLU C 87 -11.68 16.01 -8.24
N TRP C 88 -12.10 14.74 -8.25
CA TRP C 88 -13.45 14.29 -8.66
C TRP C 88 -14.11 13.65 -7.45
N VAL C 89 -15.43 13.86 -7.30
CA VAL C 89 -16.24 13.45 -6.12
C VAL C 89 -17.64 13.07 -6.58
N ARG C 90 -18.35 12.35 -5.73
CA ARG C 90 -19.82 12.26 -5.81
C ARG C 90 -20.41 13.05 -4.64
N VAL C 91 -21.58 13.63 -4.88
CA VAL C 91 -22.36 14.35 -3.84
C VAL C 91 -23.58 13.48 -3.55
N GLY C 92 -24.05 13.52 -2.32
CA GLY C 92 -25.24 12.76 -1.91
C GLY C 92 -25.80 13.16 -0.56
N LEU C 93 -26.88 12.48 -0.19
CA LEU C 93 -27.57 12.61 1.11
C LEU C 93 -27.42 11.27 1.83
N SER C 94 -27.18 11.34 3.14
CA SER C 94 -27.05 10.17 4.06
C SER C 94 -28.03 10.38 5.21
N ALA C 95 -28.53 9.29 5.79
CA ALA C 95 -29.27 9.32 7.06
C ALA C 95 -29.10 7.98 7.76
N SER C 96 -29.31 7.97 9.07
CA SER C 96 -29.20 6.75 9.87
C SER C 96 -30.07 6.87 11.12
N THR C 97 -30.55 5.71 11.60
CA THR C 97 -31.19 5.47 12.91
C THR C 97 -30.33 4.46 13.68
N GLY C 98 -30.56 4.35 15.00
CA GLY C 98 -29.73 3.54 15.90
C GLY C 98 -30.60 2.73 16.85
N LEU C 99 -30.36 2.82 18.16
CA LEU C 99 -31.38 2.37 19.17
C LEU C 99 -32.64 3.23 19.01
N TYR C 100 -32.46 4.52 18.80
CA TYR C 100 -33.55 5.50 18.52
C TYR C 100 -33.65 5.77 17.01
N LYS C 101 -34.79 6.33 16.59
CA LYS C 101 -35.23 6.33 15.17
C LYS C 101 -36.07 7.58 14.86
N GLU C 102 -36.21 7.84 13.55
CA GLU C 102 -36.94 8.98 12.93
C GLU C 102 -37.11 8.66 11.43
N THR C 103 -38.14 9.25 10.81
CA THR C 103 -38.25 9.30 9.33
C THR C 103 -37.17 10.27 8.86
N ASN C 104 -36.46 9.94 7.78
CA ASN C 104 -35.44 10.81 7.13
C ASN C 104 -35.90 11.05 5.69
N THR C 105 -37.03 11.74 5.54
CA THR C 105 -37.75 11.94 4.26
C THR C 105 -37.21 13.21 3.57
N ILE C 106 -36.70 13.05 2.35
CA ILE C 106 -36.29 14.17 1.46
C ILE C 106 -37.43 14.45 0.48
N LEU C 107 -37.92 15.69 0.42
CA LEU C 107 -39.04 16.12 -0.47
C LEU C 107 -38.47 16.74 -1.75
N SER C 108 -37.26 17.31 -1.68
CA SER C 108 -36.60 17.98 -2.82
C SER C 108 -35.12 18.15 -2.52
N TRP C 109 -34.32 18.25 -3.59
CA TRP C 109 -32.84 18.32 -3.54
C TRP C 109 -32.33 18.94 -4.83
N SER C 110 -31.58 20.04 -4.72
CA SER C 110 -30.95 20.70 -5.89
C SER C 110 -29.48 20.98 -5.57
N PHE C 111 -28.64 21.03 -6.60
CA PHE C 111 -27.18 21.15 -6.48
C PHE C 111 -26.59 21.81 -7.72
N THR C 112 -25.67 22.75 -7.52
CA THR C 112 -24.91 23.41 -8.60
C THR C 112 -23.44 23.49 -8.23
N SER C 113 -22.57 23.09 -9.15
CA SER C 113 -21.11 23.27 -9.04
C SER C 113 -20.60 24.09 -10.22
N LYS C 114 -19.67 24.99 -9.96
CA LYS C 114 -19.05 25.85 -10.98
C LYS C 114 -17.54 25.83 -10.77
N LEU C 115 -16.81 25.38 -11.78
CA LEU C 115 -15.32 25.34 -11.75
C LEU C 115 -14.83 26.36 -12.79
N LYS C 116 -14.43 27.51 -12.29
CA LYS C 116 -14.12 28.73 -13.09
C LYS C 116 -12.60 28.85 -13.09
N SER C 117 -11.98 28.26 -14.09
CA SER C 117 -10.51 28.37 -14.33
C SER C 117 -10.13 29.85 -14.47
N ASN C 118 -9.01 30.26 -13.88
CA ASN C 118 -8.38 31.59 -14.12
C ASN C 118 -7.25 31.42 -15.15
N SER C 119 -6.64 30.23 -15.21
CA SER C 119 -5.49 29.86 -16.08
C SER C 119 -5.96 29.33 -17.45
N THR C 120 -6.99 28.46 -17.50
CA THR C 120 -7.68 28.07 -18.77
C THR C 120 -8.72 29.16 -19.10
N HIS C 121 -9.22 29.87 -18.08
CA HIS C 121 -10.11 31.08 -18.12
C HIS C 121 -11.49 30.77 -18.74
N GLU C 122 -12.21 29.78 -18.21
CA GLU C 122 -13.61 29.42 -18.62
C GLU C 122 -14.33 28.74 -17.44
N THR C 123 -15.67 28.70 -17.46
CA THR C 123 -16.49 28.03 -16.41
C THR C 123 -17.05 26.69 -16.94
N ASN C 124 -16.87 25.60 -16.18
CA ASN C 124 -17.58 24.30 -16.30
C ASN C 124 -18.61 24.18 -15.17
N ALA C 125 -19.77 23.58 -15.44
CA ALA C 125 -20.91 23.58 -14.50
C ALA C 125 -21.70 22.26 -14.58
N LEU C 126 -22.24 21.87 -13.44
CA LEU C 126 -23.29 20.82 -13.31
C LEU C 126 -24.42 21.37 -12.44
N HIS C 127 -25.66 21.13 -12.85
CA HIS C 127 -26.84 21.49 -12.03
C HIS C 127 -27.86 20.36 -12.12
N PHE C 128 -28.43 19.96 -10.99
CA PHE C 128 -29.59 19.05 -10.97
C PHE C 128 -30.60 19.60 -9.98
N MET C 129 -31.85 19.34 -10.27
CA MET C 129 -32.96 19.72 -9.35
C MET C 129 -33.98 18.58 -9.33
N PHE C 130 -34.31 18.09 -8.13
CA PHE C 130 -35.43 17.14 -7.88
C PHE C 130 -36.46 17.83 -7.01
N ASN C 131 -37.64 18.10 -7.56
CA ASN C 131 -38.87 18.48 -6.80
C ASN C 131 -39.75 17.26 -6.52
N GLN C 132 -39.69 16.22 -7.36
CA GLN C 132 -40.30 14.89 -7.10
C GLN C 132 -39.25 13.82 -7.45
N PHE C 133 -39.22 12.75 -6.67
CA PHE C 133 -38.44 11.53 -6.96
C PHE C 133 -39.44 10.49 -7.46
N SER C 134 -39.04 9.60 -8.37
CA SER C 134 -39.92 8.58 -8.97
C SER C 134 -39.41 7.18 -8.62
N LYS C 135 -40.19 6.13 -8.96
CA LYS C 135 -40.09 4.74 -8.43
C LYS C 135 -38.77 4.09 -8.86
N ASP C 136 -38.23 4.45 -10.02
CA ASP C 136 -36.92 3.97 -10.52
C ASP C 136 -36.15 5.19 -11.04
N GLN C 137 -35.34 5.77 -10.18
CA GLN C 137 -34.68 7.08 -10.35
C GLN C 137 -33.24 6.77 -10.78
N LYS C 138 -33.03 6.61 -12.08
CA LYS C 138 -31.77 6.10 -12.65
C LYS C 138 -30.62 7.13 -12.57
N ASP C 139 -30.88 8.42 -12.27
CA ASP C 139 -29.80 9.44 -12.04
C ASP C 139 -29.37 9.47 -10.56
N LEU C 140 -29.93 8.62 -9.70
CA LEU C 140 -29.52 8.47 -8.28
C LEU C 140 -28.98 7.07 -8.03
N ILE C 141 -27.85 6.97 -7.36
CA ILE C 141 -27.32 5.70 -6.81
C ILE C 141 -27.85 5.58 -5.40
N LEU C 142 -28.65 4.55 -5.13
CA LEU C 142 -29.24 4.29 -3.80
C LEU C 142 -28.42 3.20 -3.12
N GLN C 143 -28.00 3.45 -1.88
CA GLN C 143 -27.21 2.54 -1.02
C GLN C 143 -27.99 2.28 0.29
N GLY C 144 -27.87 1.07 0.85
CA GLY C 144 -28.54 0.63 2.09
C GLY C 144 -30.05 0.69 1.94
N ASP C 145 -30.78 1.27 2.89
CA ASP C 145 -32.27 1.13 3.00
C ASP C 145 -32.99 2.23 2.23
N ALA C 146 -32.26 3.04 1.47
CA ALA C 146 -32.79 4.21 0.74
C ALA C 146 -33.70 3.73 -0.40
N THR C 147 -34.92 4.27 -0.47
CA THR C 147 -35.87 4.04 -1.60
C THR C 147 -36.46 5.36 -2.06
N THR C 148 -37.08 5.36 -3.24
CA THR C 148 -37.79 6.50 -3.84
C THR C 148 -39.20 6.05 -4.25
N GLY C 149 -40.08 7.00 -4.57
CA GLY C 149 -41.30 6.79 -5.36
C GLY C 149 -42.58 6.91 -4.54
N THR C 150 -42.52 6.56 -3.25
CA THR C 150 -43.69 6.53 -2.35
C THR C 150 -44.03 7.99 -2.02
N ASP C 151 -45.09 8.51 -2.66
CA ASP C 151 -45.56 9.90 -2.52
C ASP C 151 -44.53 10.85 -3.15
N GLY C 152 -43.65 10.35 -4.03
CA GLY C 152 -42.66 11.18 -4.74
C GLY C 152 -41.55 11.70 -3.83
N ASN C 153 -41.29 11.01 -2.71
CA ASN C 153 -40.23 11.38 -1.75
C ASN C 153 -39.08 10.39 -1.84
N LEU C 154 -37.95 10.79 -1.30
CA LEU C 154 -36.77 9.95 -1.08
C LEU C 154 -36.78 9.65 0.43
N GLU C 155 -36.91 8.37 0.81
CA GLU C 155 -36.83 7.93 2.24
C GLU C 155 -35.44 7.34 2.40
N LEU C 156 -34.56 8.04 3.14
CA LEU C 156 -33.15 7.60 3.25
C LEU C 156 -33.08 6.38 4.18
N THR C 157 -33.97 6.28 5.17
CA THR C 157 -33.96 5.15 6.13
C THR C 157 -35.29 4.40 6.04
N ARG C 158 -35.26 3.16 6.52
CA ARG C 158 -36.35 2.17 6.35
C ARG C 158 -37.58 2.68 7.10
N VAL C 159 -38.70 2.79 6.39
CA VAL C 159 -40.06 3.12 6.93
C VAL C 159 -40.97 1.89 6.72
N SER C 160 -41.86 1.61 7.66
CA SER C 160 -42.82 0.46 7.62
C SER C 160 -43.95 0.77 6.66
N SER C 161 -44.78 -0.23 6.36
CA SER C 161 -46.04 -0.08 5.59
C SER C 161 -46.92 1.00 6.24
N ASN C 162 -46.98 1.05 7.58
CA ASN C 162 -47.83 1.99 8.36
C ASN C 162 -47.19 3.39 8.50
N GLY C 163 -46.00 3.59 7.93
CA GLY C 163 -45.30 4.90 7.89
C GLY C 163 -44.38 5.10 9.09
N SER C 164 -44.12 4.04 9.85
CA SER C 164 -43.36 4.06 11.13
C SER C 164 -41.89 3.76 10.86
N PRO C 165 -40.96 4.56 11.43
CA PRO C 165 -39.53 4.41 11.14
C PRO C 165 -38.97 3.22 11.93
N GLN C 166 -38.00 2.50 11.35
CA GLN C 166 -37.28 1.36 11.97
C GLN C 166 -35.92 1.86 12.52
N GLY C 167 -35.42 1.20 13.55
CA GLY C 167 -34.07 1.41 14.11
C GLY C 167 -33.02 0.73 13.26
N SER C 168 -31.74 0.93 13.61
CA SER C 168 -30.55 0.28 13.02
C SER C 168 -30.66 0.29 11.49
N SER C 169 -31.04 1.43 10.93
CA SER C 169 -31.20 1.67 9.48
C SER C 169 -30.18 2.73 9.00
N VAL C 170 -29.62 2.53 7.81
CA VAL C 170 -28.71 3.51 7.14
C VAL C 170 -29.01 3.48 5.64
N GLY C 171 -29.05 4.67 5.03
CA GLY C 171 -29.38 4.84 3.60
C GLY C 171 -28.74 6.10 3.04
N ARG C 172 -28.21 6.01 1.82
CA ARG C 172 -27.63 7.17 1.10
C ARG C 172 -28.20 7.21 -0.32
N ALA C 173 -28.19 8.40 -0.90
CA ALA C 173 -28.55 8.70 -2.30
C ALA C 173 -27.42 9.54 -2.88
N LEU C 174 -26.70 9.06 -3.89
CA LEU C 174 -25.61 9.83 -4.55
C LEU C 174 -26.02 10.17 -5.99
N PHE C 175 -25.73 11.37 -6.45
CA PHE C 175 -26.06 11.75 -7.84
C PHE C 175 -25.12 10.93 -8.74
N TYR C 176 -25.63 10.50 -9.90
CA TYR C 176 -24.94 9.53 -10.78
C TYR C 176 -23.62 10.14 -11.29
N ALA C 177 -23.63 11.37 -11.78
CA ALA C 177 -22.44 11.93 -12.46
C ALA C 177 -21.44 12.36 -11.40
N PRO C 178 -20.15 12.00 -11.53
CA PRO C 178 -19.13 12.63 -10.71
C PRO C 178 -19.12 14.15 -10.96
N VAL C 179 -18.57 14.88 -9.98
CA VAL C 179 -18.43 16.35 -9.94
C VAL C 179 -16.94 16.68 -9.89
N HIS C 180 -16.51 17.64 -10.72
CA HIS C 180 -15.12 18.15 -10.76
C HIS C 180 -15.01 19.28 -9.72
N ILE C 181 -14.40 19.00 -8.57
CA ILE C 181 -14.42 19.93 -7.39
C ILE C 181 -13.17 20.82 -7.40
N TRP C 182 -12.07 20.41 -8.03
CA TRP C 182 -10.89 21.31 -8.24
C TRP C 182 -9.92 20.74 -9.27
N GLU C 183 -9.06 21.60 -9.80
CA GLU C 183 -8.08 21.30 -10.87
C GLU C 183 -6.68 21.63 -10.37
N SER C 184 -6.57 22.61 -9.48
CA SER C 184 -5.31 23.01 -8.83
C SER C 184 -5.65 23.85 -7.60
N SER C 185 -4.63 24.24 -6.85
CA SER C 185 -4.69 25.11 -5.65
C SER C 185 -5.53 26.37 -5.95
N ALA C 186 -5.37 26.90 -7.16
CA ALA C 186 -5.90 28.22 -7.56
C ALA C 186 -7.23 28.07 -8.31
N VAL C 187 -7.61 26.84 -8.65
CA VAL C 187 -8.87 26.58 -9.43
C VAL C 187 -9.70 25.59 -8.62
N VAL C 188 -10.54 26.08 -7.71
CA VAL C 188 -11.42 25.20 -6.93
C VAL C 188 -12.89 25.58 -7.17
N ALA C 189 -13.76 24.59 -7.14
CA ALA C 189 -15.19 24.74 -7.47
C ALA C 189 -15.88 25.55 -6.36
N SER C 190 -16.85 26.39 -6.73
CA SER C 190 -17.94 26.83 -5.83
C SER C 190 -19.13 25.90 -6.02
N PHE C 191 -19.95 25.73 -4.98
CA PHE C 191 -21.17 24.90 -5.07
C PHE C 191 -22.23 25.39 -4.09
N GLU C 192 -23.46 25.01 -4.42
CA GLU C 192 -24.70 25.35 -3.69
C GLU C 192 -25.58 24.12 -3.73
N ALA C 193 -26.10 23.74 -2.58
CA ALA C 193 -27.08 22.65 -2.42
C ALA C 193 -28.23 23.17 -1.57
N THR C 194 -29.41 22.71 -1.90
CA THR C 194 -30.62 22.89 -1.07
C THR C 194 -31.37 21.57 -1.03
N PHE C 195 -32.00 21.27 0.10
CA PHE C 195 -32.90 20.13 0.23
C PHE C 195 -33.97 20.47 1.27
N THR C 196 -35.18 19.96 1.02
CA THR C 196 -36.28 20.01 2.01
C THR C 196 -36.39 18.61 2.59
N PHE C 197 -36.65 18.53 3.88
CA PHE C 197 -36.64 17.28 4.67
C PHE C 197 -37.80 17.29 5.65
N LEU C 198 -38.29 16.11 5.98
CA LEU C 198 -39.29 15.88 7.05
C LEU C 198 -38.72 14.81 7.97
N ILE C 199 -38.39 15.19 9.20
CA ILE C 199 -38.00 14.28 10.31
C ILE C 199 -39.16 14.19 11.30
N LYS C 200 -39.75 12.98 11.39
CA LYS C 200 -40.95 12.62 12.19
C LYS C 200 -40.53 11.44 13.07
N SER C 201 -40.85 11.48 14.35
CA SER C 201 -40.49 10.42 15.33
C SER C 201 -41.62 10.22 16.33
N PRO C 202 -41.99 8.97 16.68
CA PRO C 202 -42.92 8.71 17.78
C PRO C 202 -42.22 8.88 19.15
N ASP C 203 -40.91 8.58 19.20
CA ASP C 203 -40.04 8.87 20.37
C ASP C 203 -40.05 10.39 20.64
N SER C 204 -39.81 10.78 21.89
CA SER C 204 -39.43 12.17 22.29
C SER C 204 -37.89 12.28 22.26
N HIS C 205 -37.22 11.19 21.86
CA HIS C 205 -35.77 11.14 21.49
C HIS C 205 -35.64 10.60 20.06
N PRO C 206 -35.77 11.44 19.01
CA PRO C 206 -35.41 11.04 17.66
C PRO C 206 -33.91 10.84 17.45
N ALA C 207 -33.53 10.06 16.43
CA ALA C 207 -32.12 9.78 16.05
C ALA C 207 -32.10 9.15 14.66
N ASP C 208 -30.98 9.23 13.93
CA ASP C 208 -29.75 9.91 14.34
C ASP C 208 -29.49 11.19 13.54
N GLY C 209 -30.07 11.33 12.34
CA GLY C 209 -29.95 12.59 11.58
C GLY C 209 -29.81 12.39 10.09
N ILE C 210 -29.70 13.50 9.37
CA ILE C 210 -29.45 13.57 7.90
C ILE C 210 -28.11 14.30 7.70
N ALA C 211 -27.34 13.96 6.67
CA ALA C 211 -26.14 14.70 6.23
C ALA C 211 -26.16 14.90 4.72
N PHE C 212 -25.76 16.09 4.26
CA PHE C 212 -25.28 16.35 2.88
C PHE C 212 -23.78 16.08 2.87
N PHE C 213 -23.26 15.34 1.88
CA PHE C 213 -21.85 14.92 1.90
C PHE C 213 -21.25 14.90 0.49
N ILE C 214 -19.93 14.98 0.48
CA ILE C 214 -19.04 14.89 -0.70
C ILE C 214 -17.97 13.85 -0.37
N SER C 215 -17.64 12.97 -1.30
CA SER C 215 -16.70 11.84 -1.09
C SER C 215 -16.11 11.38 -2.42
N ASN C 216 -15.06 10.57 -2.34
CA ASN C 216 -14.50 9.83 -3.50
C ASN C 216 -15.66 9.21 -4.27
N ILE C 217 -15.50 9.08 -5.59
CA ILE C 217 -16.58 8.70 -6.54
C ILE C 217 -17.08 7.29 -6.19
N ASP C 218 -16.24 6.42 -5.66
CA ASP C 218 -16.56 4.98 -5.40
C ASP C 218 -17.00 4.78 -3.95
N SER C 219 -17.31 5.85 -3.21
CA SER C 219 -17.74 5.77 -1.80
C SER C 219 -18.92 4.81 -1.65
N SER C 220 -18.85 3.87 -0.71
CA SER C 220 -20.00 3.06 -0.25
C SER C 220 -20.22 3.23 1.27
N ILE C 221 -21.39 2.86 1.77
CA ILE C 221 -21.70 2.94 3.22
C ILE C 221 -20.64 2.15 3.99
N PRO C 222 -19.84 2.79 4.88
CA PRO C 222 -18.82 2.08 5.64
C PRO C 222 -19.45 1.06 6.60
N SER C 223 -18.80 -0.09 6.82
CA SER C 223 -19.34 -1.15 7.73
C SER C 223 -19.53 -0.58 9.13
N GLY C 224 -20.69 -0.85 9.74
CA GLY C 224 -21.02 -0.50 11.13
C GLY C 224 -21.23 1.00 11.31
N SER C 225 -21.69 1.70 10.28
CA SER C 225 -21.89 3.17 10.31
C SER C 225 -23.37 3.52 10.48
N THR C 226 -24.19 2.63 11.05
CA THR C 226 -25.56 2.99 11.54
C THR C 226 -25.43 3.88 12.77
N GLY C 227 -26.53 4.49 13.20
CA GLY C 227 -26.60 5.33 14.41
C GLY C 227 -25.78 6.60 14.28
N ARG C 228 -24.88 6.82 15.23
CA ARG C 228 -24.19 8.13 15.43
C ARG C 228 -23.22 8.42 14.28
N LEU C 229 -22.88 7.43 13.43
CA LEU C 229 -21.87 7.63 12.35
C LEU C 229 -22.58 8.07 11.05
N LEU C 230 -23.91 8.10 11.05
CA LEU C 230 -24.73 8.79 10.02
C LEU C 230 -24.51 8.21 8.61
N GLY C 231 -24.03 6.96 8.50
CA GLY C 231 -23.76 6.30 7.21
C GLY C 231 -22.49 6.83 6.55
N LEU C 232 -21.69 7.62 7.25
CA LEU C 232 -20.59 8.42 6.65
C LEU C 232 -19.21 7.91 7.08
N PHE C 233 -19.02 7.50 8.33
CA PHE C 233 -17.67 7.26 8.89
C PHE C 233 -17.57 5.81 9.38
N PRO C 234 -16.37 5.18 9.27
CA PRO C 234 -16.14 3.83 9.79
C PRO C 234 -15.89 3.77 11.31
N ASP C 235 -15.54 4.90 11.94
CA ASP C 235 -15.20 5.00 13.38
C ASP C 235 -15.55 6.40 13.88
N ALA C 236 -15.67 6.54 15.20
CA ALA C 236 -16.07 7.78 15.90
C ALA C 236 -14.87 8.67 16.20
N ASN C 237 -13.71 8.41 15.63
CA ASN C 237 -12.48 9.20 15.95
C ASN C 237 -12.40 10.39 14.98
N ALA D 1 37.90 8.81 -12.89
CA ALA D 1 37.08 7.54 -13.02
C ALA D 1 36.60 7.07 -11.63
N ASP D 2 35.69 6.08 -11.64
CA ASP D 2 35.14 5.44 -10.42
C ASP D 2 36.30 4.82 -9.61
N THR D 3 36.14 4.75 -8.28
CA THR D 3 36.95 3.89 -7.40
C THR D 3 36.14 2.63 -7.08
N ILE D 4 36.70 1.46 -7.41
CA ILE D 4 36.10 0.13 -7.16
C ILE D 4 36.99 -0.65 -6.19
N VAL D 5 36.34 -1.28 -5.20
CA VAL D 5 36.81 -2.46 -4.43
C VAL D 5 35.78 -3.58 -4.66
N ALA D 6 36.20 -4.75 -5.10
CA ALA D 6 35.28 -5.82 -5.55
C ALA D 6 35.84 -7.20 -5.19
N VAL D 7 34.92 -8.11 -4.89
CA VAL D 7 35.18 -9.57 -4.81
C VAL D 7 34.55 -10.16 -6.07
N GLU D 8 35.37 -10.81 -6.91
CA GLU D 8 34.90 -11.35 -8.20
C GLU D 8 34.76 -12.88 -8.12
N LEU D 9 33.65 -13.36 -8.69
CA LEU D 9 33.38 -14.76 -9.07
C LEU D 9 33.63 -14.83 -10.58
N ASP D 10 34.88 -15.11 -10.97
CA ASP D 10 35.34 -15.04 -12.39
C ASP D 10 35.25 -16.43 -13.00
N THR D 11 34.30 -16.64 -13.90
CA THR D 11 33.99 -17.95 -14.53
C THR D 11 34.78 -18.17 -15.82
N TYR D 12 35.64 -17.25 -16.25
CA TYR D 12 36.32 -17.36 -17.57
C TYR D 12 37.76 -16.85 -17.51
N PRO D 13 38.76 -17.72 -17.77
CA PRO D 13 40.16 -17.31 -17.73
C PRO D 13 40.45 -16.30 -18.86
N ASN D 14 40.83 -15.08 -18.50
CA ASN D 14 41.36 -14.04 -19.42
C ASN D 14 42.87 -13.94 -19.15
N THR D 15 43.64 -14.92 -19.66
CA THR D 15 45.07 -15.15 -19.28
C THR D 15 45.96 -13.98 -19.79
N ASP D 16 45.55 -13.31 -20.86
CA ASP D 16 46.25 -12.12 -21.41
C ASP D 16 46.04 -10.86 -20.55
N ILE D 17 45.30 -10.92 -19.42
CA ILE D 17 45.12 -9.74 -18.51
C ILE D 17 45.21 -10.16 -17.03
N GLY D 18 45.96 -11.20 -16.68
CA GLY D 18 46.34 -11.50 -15.29
C GLY D 18 45.52 -12.63 -14.65
N ASP D 19 44.47 -13.12 -15.33
CA ASP D 19 43.62 -14.20 -14.78
C ASP D 19 44.49 -15.46 -14.69
N PRO D 20 44.41 -16.24 -13.58
CA PRO D 20 44.83 -17.65 -13.63
C PRO D 20 44.09 -18.38 -14.77
N SER D 21 44.54 -19.58 -15.16
CA SER D 21 43.98 -20.39 -16.29
C SER D 21 42.83 -21.31 -15.85
N TYR D 22 42.21 -21.05 -14.69
CA TYR D 22 40.98 -21.72 -14.17
C TYR D 22 39.97 -20.66 -13.74
N PRO D 23 38.65 -20.98 -13.65
CA PRO D 23 37.74 -20.22 -12.80
C PRO D 23 38.34 -19.92 -11.41
N HIS D 24 38.09 -18.72 -10.89
CA HIS D 24 38.71 -18.23 -9.63
C HIS D 24 37.85 -17.15 -8.97
N ILE D 25 38.01 -17.00 -7.67
CA ILE D 25 37.53 -15.85 -6.86
C ILE D 25 38.75 -14.96 -6.61
N GLY D 26 38.56 -13.64 -6.69
CA GLY D 26 39.62 -12.62 -6.54
C GLY D 26 39.14 -11.40 -5.78
N ILE D 27 40.07 -10.73 -5.08
CA ILE D 27 39.90 -9.42 -4.43
C ILE D 27 40.54 -8.33 -5.31
N ASP D 28 39.70 -7.45 -5.86
CA ASP D 28 40.09 -6.39 -6.83
C ASP D 28 40.10 -5.04 -6.12
N ILE D 29 41.29 -4.46 -5.92
CA ILE D 29 41.48 -3.07 -5.45
C ILE D 29 41.83 -2.19 -6.65
N LYS D 30 40.82 -1.54 -7.23
CA LYS D 30 40.95 -0.45 -8.25
C LYS D 30 41.44 -1.01 -9.60
N SER D 31 41.33 -2.31 -9.85
CA SER D 31 41.86 -2.99 -11.06
C SER D 31 41.23 -4.38 -11.21
N VAL D 32 40.82 -4.76 -12.43
CA VAL D 32 40.35 -6.13 -12.84
C VAL D 32 41.47 -7.19 -12.62
N ARG D 33 42.74 -6.78 -12.47
CA ARG D 33 43.90 -7.64 -12.13
C ARG D 33 43.93 -7.84 -10.62
N SER D 34 43.36 -8.94 -10.14
CA SER D 34 43.17 -9.26 -8.70
C SER D 34 44.50 -9.13 -7.94
N LYS D 35 44.47 -8.56 -6.74
CA LYS D 35 45.63 -8.55 -5.81
C LYS D 35 45.88 -9.98 -5.31
N LYS D 36 44.83 -10.75 -5.01
CA LYS D 36 44.92 -12.18 -4.62
C LYS D 36 43.75 -12.97 -5.25
N THR D 37 44.00 -14.23 -5.60
CA THR D 37 43.04 -15.16 -6.25
C THR D 37 43.07 -16.52 -5.53
N ALA D 38 42.01 -17.30 -5.72
CA ALA D 38 41.92 -18.72 -5.32
C ALA D 38 41.16 -19.46 -6.41
N LYS D 39 41.61 -20.66 -6.76
CA LYS D 39 40.90 -21.58 -7.68
C LYS D 39 39.48 -21.76 -7.15
N TRP D 40 38.51 -21.85 -8.06
CA TRP D 40 37.07 -21.97 -7.72
C TRP D 40 36.40 -22.95 -8.69
N ASN D 41 35.92 -24.07 -8.17
CA ASN D 41 35.26 -25.12 -8.99
C ASN D 41 33.80 -24.72 -9.09
N MET D 42 33.51 -23.84 -10.05
CA MET D 42 32.14 -23.35 -10.34
C MET D 42 31.29 -24.56 -10.77
N GLN D 43 30.06 -24.67 -10.29
CA GLN D 43 29.14 -25.77 -10.66
C GLN D 43 27.98 -25.21 -11.45
N ASN D 44 27.99 -25.48 -12.75
CA ASN D 44 26.99 -25.03 -13.74
C ASN D 44 25.62 -25.52 -13.28
N GLY D 45 24.64 -24.62 -13.22
CA GLY D 45 23.21 -24.94 -12.99
C GLY D 45 22.86 -25.06 -11.50
N LYS D 46 23.83 -24.92 -10.59
CA LYS D 46 23.66 -25.18 -9.12
C LYS D 46 23.67 -23.86 -8.32
N VAL D 47 22.78 -23.73 -7.34
CA VAL D 47 22.73 -22.54 -6.45
C VAL D 47 23.97 -22.55 -5.56
N GLY D 48 24.72 -21.45 -5.55
CA GLY D 48 25.90 -21.24 -4.68
C GLY D 48 25.71 -20.09 -3.69
N THR D 49 26.62 -19.94 -2.72
CA THR D 49 26.57 -18.93 -1.65
C THR D 49 27.93 -18.24 -1.59
N ALA D 50 27.92 -16.91 -1.61
CA ALA D 50 29.09 -16.03 -1.39
C ALA D 50 28.92 -15.28 -0.06
N HIS D 51 29.97 -15.26 0.75
CA HIS D 51 30.04 -14.57 2.06
C HIS D 51 31.31 -13.72 2.02
N ILE D 52 31.19 -12.39 1.99
CA ILE D 52 32.33 -11.43 2.06
C ILE D 52 32.33 -10.85 3.48
N ILE D 53 33.50 -10.69 4.09
CA ILE D 53 33.64 -10.01 5.40
C ILE D 53 34.84 -9.07 5.30
N TYR D 54 34.72 -7.89 5.88
CA TYR D 54 35.84 -6.95 6.11
C TYR D 54 35.77 -6.57 7.58
N ASN D 55 36.92 -6.69 8.23
CA ASN D 55 37.10 -6.48 9.69
C ASN D 55 38.02 -5.27 9.85
N SER D 56 37.50 -4.17 10.40
CA SER D 56 38.27 -2.91 10.50
C SER D 56 39.38 -2.99 11.55
N VAL D 57 39.48 -4.09 12.30
CA VAL D 57 40.52 -4.24 13.36
C VAL D 57 41.70 -5.01 12.74
N ASP D 58 41.44 -6.18 12.14
CA ASP D 58 42.44 -6.99 11.37
C ASP D 58 42.78 -6.30 10.05
N LYS D 59 41.90 -5.43 9.53
CA LYS D 59 42.01 -4.70 8.21
C LYS D 59 42.15 -5.72 7.07
N ARG D 60 41.37 -6.80 7.13
CA ARG D 60 41.43 -7.97 6.23
C ARG D 60 40.10 -8.12 5.51
N LEU D 61 40.13 -8.28 4.18
CA LEU D 61 38.93 -8.56 3.35
C LEU D 61 39.00 -10.02 2.92
N SER D 62 38.03 -10.83 3.37
CA SER D 62 37.88 -12.28 3.11
C SER D 62 36.61 -12.53 2.31
N ALA D 63 36.56 -13.63 1.59
CA ALA D 63 35.38 -14.11 0.85
C ALA D 63 35.40 -15.64 0.84
N VAL D 64 34.21 -16.26 0.88
CA VAL D 64 34.01 -17.74 0.87
C VAL D 64 32.89 -18.02 -0.14
N VAL D 65 33.22 -18.68 -1.24
CA VAL D 65 32.19 -19.17 -2.20
C VAL D 65 32.11 -20.69 -2.04
N SER D 66 30.89 -21.19 -1.95
CA SER D 66 30.58 -22.57 -1.54
C SER D 66 29.34 -23.06 -2.28
N TYR D 67 29.18 -24.38 -2.28
CA TYR D 67 28.10 -25.12 -2.98
C TYR D 67 27.66 -26.27 -2.07
N PRO D 68 26.39 -26.73 -2.13
CA PRO D 68 25.94 -27.88 -1.33
C PRO D 68 26.81 -29.12 -1.60
N ASN D 69 27.37 -29.74 -0.56
CA ASN D 69 28.10 -31.04 -0.60
C ASN D 69 29.31 -30.93 -1.56
N ALA D 70 30.06 -29.83 -1.46
CA ALA D 70 31.30 -29.53 -2.23
C ALA D 70 32.23 -28.66 -1.37
N ASP D 71 33.48 -28.46 -1.80
CA ASP D 71 34.51 -27.70 -1.03
C ASP D 71 34.31 -26.20 -1.21
N SER D 72 34.86 -25.40 -0.30
CA SER D 72 34.74 -23.93 -0.25
C SER D 72 36.04 -23.29 -0.71
N ALA D 73 35.99 -22.52 -1.79
CA ALA D 73 37.07 -21.60 -2.20
C ALA D 73 36.99 -20.38 -1.29
N THR D 74 38.13 -19.97 -0.70
CA THR D 74 38.25 -18.74 0.11
C THR D 74 39.48 -17.96 -0.34
N VAL D 75 39.44 -16.63 -0.19
CA VAL D 75 40.56 -15.72 -0.55
C VAL D 75 40.58 -14.59 0.47
N SER D 76 41.78 -14.10 0.83
CA SER D 76 42.02 -13.00 1.82
C SER D 76 42.96 -11.95 1.22
N TYR D 77 43.00 -10.76 1.83
CA TYR D 77 43.93 -9.66 1.49
C TYR D 77 43.80 -8.54 2.53
N ASP D 78 44.90 -8.24 3.24
CA ASP D 78 44.99 -7.12 4.20
C ASP D 78 45.01 -5.82 3.40
N VAL D 79 44.04 -4.94 3.59
CA VAL D 79 44.03 -3.58 2.96
C VAL D 79 43.38 -2.60 3.94
N ASP D 80 43.82 -1.35 3.89
CA ASP D 80 43.41 -0.25 4.79
C ASP D 80 42.46 0.64 3.98
N LEU D 81 41.14 0.39 4.04
CA LEU D 81 40.15 0.84 3.02
C LEU D 81 39.96 2.36 3.08
N ASP D 82 40.39 3.01 4.16
CA ASP D 82 40.46 4.49 4.27
C ASP D 82 41.52 5.05 3.31
N ASN D 83 42.48 4.21 2.88
CA ASN D 83 43.52 4.55 1.87
C ASN D 83 42.94 4.51 0.45
N VAL D 84 41.78 3.85 0.23
CA VAL D 84 41.32 3.41 -1.12
C VAL D 84 40.01 4.11 -1.52
N LEU D 85 38.96 3.93 -0.70
CA LEU D 85 37.56 4.31 -0.99
C LEU D 85 37.27 5.70 -0.44
N PRO D 86 36.29 6.45 -1.00
CA PRO D 86 35.82 7.69 -0.37
C PRO D 86 35.10 7.39 0.96
N GLU D 87 34.85 8.44 1.76
CA GLU D 87 34.17 8.34 3.08
C GLU D 87 32.80 7.66 2.89
N TRP D 88 32.07 8.01 1.83
CA TRP D 88 30.72 7.48 1.49
C TRP D 88 30.81 6.67 0.19
N VAL D 89 30.08 5.55 0.13
CA VAL D 89 30.10 4.61 -1.02
C VAL D 89 28.69 4.06 -1.29
N ARG D 90 28.49 3.44 -2.45
CA ARG D 90 27.39 2.49 -2.66
C ARG D 90 27.95 1.08 -2.80
N VAL D 91 27.20 0.12 -2.29
CA VAL D 91 27.47 -1.34 -2.42
C VAL D 91 26.53 -1.89 -3.49
N GLY D 92 26.99 -2.89 -4.22
CA GLY D 92 26.26 -3.42 -5.39
C GLY D 92 26.77 -4.77 -5.84
N LEU D 93 26.03 -5.31 -6.80
CA LEU D 93 26.29 -6.57 -7.52
C LEU D 93 26.38 -6.24 -9.01
N SER D 94 27.35 -6.84 -9.70
CA SER D 94 27.67 -6.64 -11.13
C SER D 94 27.81 -8.00 -11.81
N ALA D 95 27.43 -8.11 -13.08
CA ALA D 95 27.78 -9.26 -13.94
C ALA D 95 27.77 -8.83 -15.40
N SER D 96 28.47 -9.62 -16.20
CA SER D 96 28.72 -9.40 -17.65
C SER D 96 28.86 -10.75 -18.32
N THR D 97 28.40 -10.84 -19.57
CA THR D 97 28.69 -11.86 -20.59
C THR D 97 29.37 -11.14 -21.76
N GLY D 98 30.11 -11.90 -22.59
CA GLY D 98 30.88 -11.40 -23.75
C GLY D 98 30.58 -12.21 -25.01
N LEU D 99 31.60 -12.85 -25.60
CA LEU D 99 31.39 -13.85 -26.67
C LEU D 99 30.71 -15.08 -26.06
N TYR D 100 31.25 -15.59 -24.95
CA TYR D 100 30.65 -16.69 -24.16
C TYR D 100 29.74 -16.10 -23.05
N LYS D 101 28.76 -16.90 -22.61
CA LYS D 101 27.53 -16.43 -21.91
C LYS D 101 27.09 -17.43 -20.83
N GLU D 102 26.48 -16.89 -19.76
CA GLU D 102 25.94 -17.58 -18.55
C GLU D 102 24.77 -16.77 -17.95
N THR D 103 23.82 -17.43 -17.30
CA THR D 103 22.80 -16.74 -16.45
C THR D 103 23.56 -16.18 -15.25
N ASN D 104 23.24 -14.96 -14.83
CA ASN D 104 23.83 -14.38 -13.59
C ASN D 104 22.67 -14.02 -12.66
N THR D 105 21.96 -15.06 -12.21
CA THR D 105 20.74 -14.98 -11.37
C THR D 105 21.16 -14.85 -9.91
N ILE D 106 20.71 -13.79 -9.25
CA ILE D 106 20.84 -13.57 -7.78
C ILE D 106 19.50 -13.85 -7.15
N LEU D 107 19.49 -14.79 -6.19
CA LEU D 107 18.26 -15.28 -5.51
C LEU D 107 18.12 -14.58 -4.15
N SER D 108 19.22 -14.15 -3.54
CA SER D 108 19.18 -13.45 -2.23
C SER D 108 20.41 -12.56 -2.11
N TRP D 109 20.30 -11.50 -1.31
CA TRP D 109 21.41 -10.58 -1.02
C TRP D 109 21.16 -9.90 0.33
N SER D 110 22.17 -9.91 1.20
CA SER D 110 22.13 -9.21 2.49
C SER D 110 23.47 -8.52 2.73
N PHE D 111 23.45 -7.44 3.48
CA PHE D 111 24.62 -6.58 3.75
C PHE D 111 24.42 -5.95 5.13
N THR D 112 25.51 -5.92 5.90
CA THR D 112 25.59 -5.20 7.19
C THR D 112 26.90 -4.40 7.22
N SER D 113 26.83 -3.17 7.72
CA SER D 113 27.93 -2.22 7.88
C SER D 113 27.87 -1.73 9.32
N LYS D 114 29.02 -1.58 9.99
CA LYS D 114 29.10 -1.12 11.41
C LYS D 114 30.36 -0.28 11.58
N LEU D 115 30.16 0.93 12.10
CA LEU D 115 31.19 1.99 12.20
C LEU D 115 31.17 2.53 13.64
N LYS D 116 32.14 2.11 14.46
CA LYS D 116 32.32 2.52 15.89
C LYS D 116 33.08 3.85 15.94
N SER D 117 32.42 4.91 16.43
CA SER D 117 32.97 6.29 16.63
C SER D 117 34.12 6.26 17.65
N ASN D 118 34.90 7.35 17.74
CA ASN D 118 36.16 7.42 18.53
C ASN D 118 36.01 8.36 19.73
N SER D 119 35.49 9.57 19.52
CA SER D 119 35.32 10.64 20.55
C SER D 119 34.24 10.24 21.57
N THR D 120 33.27 9.42 21.16
CA THR D 120 32.06 9.05 21.96
C THR D 120 31.82 7.53 22.01
N HIS D 121 32.41 6.74 21.10
CA HIS D 121 32.47 5.24 21.13
C HIS D 121 31.09 4.59 20.92
N GLU D 122 30.15 5.27 20.26
CA GLU D 122 28.84 4.69 19.84
C GLU D 122 28.91 4.32 18.35
N THR D 123 28.16 3.29 17.93
CA THR D 123 28.20 2.70 16.56
C THR D 123 26.99 3.16 15.73
N ASN D 124 27.24 3.46 14.45
CA ASN D 124 26.21 3.66 13.40
C ASN D 124 26.18 2.37 12.58
N ALA D 125 25.03 1.97 12.04
CA ALA D 125 24.91 0.71 11.29
C ALA D 125 23.85 0.81 10.18
N LEU D 126 24.09 0.12 9.07
CA LEU D 126 23.10 -0.19 8.01
C LEU D 126 23.03 -1.72 7.81
N HIS D 127 21.81 -2.27 7.68
CA HIS D 127 21.59 -3.67 7.27
C HIS D 127 20.44 -3.69 6.28
N PHE D 128 20.56 -4.51 5.24
CA PHE D 128 19.39 -4.88 4.42
C PHE D 128 19.48 -6.35 4.06
N MET D 129 18.35 -6.91 3.64
CA MET D 129 18.20 -8.35 3.29
C MET D 129 17.07 -8.46 2.27
N PHE D 130 17.38 -8.92 1.07
CA PHE D 130 16.38 -9.32 0.06
C PHE D 130 16.44 -10.84 -0.11
N ASN D 131 15.33 -11.51 0.21
CA ASN D 131 15.15 -12.96 -0.05
C ASN D 131 14.30 -13.11 -1.32
N GLN D 132 13.63 -12.05 -1.74
CA GLN D 132 12.95 -11.99 -3.04
C GLN D 132 12.99 -10.55 -3.55
N PHE D 133 13.13 -10.39 -4.85
CA PHE D 133 13.11 -9.10 -5.56
C PHE D 133 11.74 -8.99 -6.20
N SER D 134 11.12 -7.82 -6.20
CA SER D 134 9.92 -7.54 -7.03
C SER D 134 10.32 -6.66 -8.21
N LYS D 135 9.34 -6.36 -9.07
CA LYS D 135 9.51 -5.86 -10.45
C LYS D 135 9.89 -4.37 -10.42
N ASP D 136 9.34 -3.61 -9.47
CA ASP D 136 9.79 -2.22 -9.20
C ASP D 136 10.30 -2.18 -7.75
N GLN D 137 11.59 -2.43 -7.59
CA GLN D 137 12.29 -2.54 -6.29
C GLN D 137 12.90 -1.18 -6.01
N LYS D 138 12.17 -0.29 -5.33
CA LYS D 138 12.55 1.14 -5.23
C LYS D 138 13.77 1.35 -4.34
N ASP D 139 14.25 0.32 -3.61
CA ASP D 139 15.51 0.45 -2.82
C ASP D 139 16.71 -0.06 -3.63
N LEU D 140 16.54 -0.37 -4.91
CA LEU D 140 17.65 -0.83 -5.80
C LEU D 140 17.79 0.15 -6.99
N ILE D 141 19.01 0.50 -7.34
CA ILE D 141 19.33 1.21 -8.61
C ILE D 141 19.76 0.13 -9.60
N LEU D 142 18.93 -0.14 -10.60
CA LEU D 142 19.29 -1.09 -11.68
C LEU D 142 19.98 -0.33 -12.81
N GLN D 143 21.12 -0.85 -13.28
CA GLN D 143 21.93 -0.28 -14.35
C GLN D 143 22.08 -1.34 -15.45
N GLY D 144 22.18 -0.90 -16.70
CA GLY D 144 22.45 -1.76 -17.87
C GLY D 144 21.30 -2.72 -18.09
N ASP D 145 21.59 -4.03 -18.16
CA ASP D 145 20.62 -5.08 -18.54
C ASP D 145 19.94 -5.69 -17.29
N ALA D 146 20.35 -5.32 -16.07
CA ALA D 146 19.82 -5.89 -14.81
C ALA D 146 18.31 -5.70 -14.73
N THR D 147 17.55 -6.76 -14.38
CA THR D 147 16.10 -6.70 -14.09
C THR D 147 15.76 -7.50 -12.83
N THR D 148 14.61 -7.21 -12.21
CA THR D 148 14.13 -7.80 -10.92
C THR D 148 12.71 -8.34 -11.09
N GLY D 149 12.39 -9.45 -10.41
CA GLY D 149 11.01 -9.95 -10.27
C GLY D 149 10.70 -11.21 -11.06
N THR D 150 11.50 -11.54 -12.08
CA THR D 150 11.43 -12.84 -12.80
C THR D 150 11.80 -13.94 -11.80
N ASP D 151 10.81 -14.74 -11.35
CA ASP D 151 10.94 -15.86 -10.37
C ASP D 151 11.17 -15.31 -8.96
N GLY D 152 10.90 -14.02 -8.75
CA GLY D 152 11.29 -13.30 -7.53
C GLY D 152 12.78 -13.11 -7.44
N ASN D 153 13.48 -13.10 -8.58
CA ASN D 153 14.97 -13.08 -8.66
C ASN D 153 15.48 -11.77 -9.29
N LEU D 154 16.75 -11.47 -9.05
CA LEU D 154 17.55 -10.39 -9.70
C LEU D 154 18.37 -11.02 -10.85
N GLU D 155 17.98 -10.78 -12.11
CA GLU D 155 18.75 -11.20 -13.31
C GLU D 155 19.75 -10.10 -13.70
N LEU D 156 21.02 -10.26 -13.33
CA LEU D 156 22.04 -9.21 -13.57
C LEU D 156 22.30 -9.02 -15.08
N THR D 157 22.30 -10.10 -15.87
CA THR D 157 22.57 -10.07 -17.35
C THR D 157 21.34 -10.57 -18.08
N ARG D 158 21.18 -10.15 -19.34
CA ARG D 158 20.03 -10.43 -20.22
C ARG D 158 19.87 -11.95 -20.36
N VAL D 159 18.60 -12.39 -20.29
CA VAL D 159 18.13 -13.80 -20.39
C VAL D 159 16.86 -13.80 -21.23
N SER D 160 16.66 -14.83 -22.05
CA SER D 160 15.48 -15.04 -22.95
C SER D 160 14.32 -15.64 -22.14
N SER D 161 13.11 -15.73 -22.73
CA SER D 161 11.90 -16.32 -22.08
C SER D 161 12.12 -17.83 -21.78
N ASN D 162 12.82 -18.54 -22.68
CA ASN D 162 13.11 -20.00 -22.59
C ASN D 162 14.14 -20.26 -21.48
N GLY D 163 14.94 -19.24 -21.11
CA GLY D 163 15.93 -19.29 -20.02
C GLY D 163 17.36 -19.32 -20.52
N SER D 164 17.59 -18.95 -21.79
CA SER D 164 18.93 -18.98 -22.43
C SER D 164 19.63 -17.63 -22.25
N PRO D 165 20.84 -17.62 -21.65
CA PRO D 165 21.58 -16.37 -21.47
C PRO D 165 21.91 -15.77 -22.83
N GLN D 166 22.35 -14.52 -22.85
CA GLN D 166 22.80 -13.82 -24.08
C GLN D 166 24.13 -13.13 -23.84
N GLY D 167 24.97 -13.10 -24.88
CA GLY D 167 26.32 -12.50 -24.85
C GLY D 167 26.25 -11.00 -24.97
N SER D 168 27.39 -10.31 -24.75
CA SER D 168 27.51 -8.84 -24.89
C SER D 168 26.45 -8.17 -24.01
N SER D 169 26.32 -8.66 -22.78
CA SER D 169 25.33 -8.24 -21.76
C SER D 169 26.09 -7.74 -20.54
N VAL D 170 25.56 -6.73 -19.86
CA VAL D 170 26.18 -6.20 -18.61
C VAL D 170 25.08 -5.50 -17.80
N GLY D 171 25.11 -5.68 -16.49
CA GLY D 171 24.08 -5.17 -15.58
C GLY D 171 24.57 -5.12 -14.14
N ARG D 172 24.03 -4.19 -13.36
CA ARG D 172 24.38 -4.03 -11.94
C ARG D 172 23.12 -3.68 -11.15
N ALA D 173 23.20 -3.85 -9.85
CA ALA D 173 22.18 -3.42 -8.86
C ALA D 173 22.94 -2.83 -7.70
N LEU D 174 22.62 -1.59 -7.34
CA LEU D 174 23.23 -0.89 -6.18
C LEU D 174 22.13 -0.64 -5.17
N PHE D 175 22.43 -0.85 -3.89
CA PHE D 175 21.52 -0.43 -2.79
C PHE D 175 21.42 1.10 -2.84
N TYR D 176 20.20 1.60 -2.72
CA TYR D 176 19.81 3.02 -2.94
C TYR D 176 20.44 3.93 -1.88
N ALA D 177 20.48 3.54 -0.61
CA ALA D 177 21.07 4.36 0.48
C ALA D 177 22.58 4.26 0.40
N PRO D 178 23.34 5.38 0.34
CA PRO D 178 24.78 5.33 0.51
C PRO D 178 25.17 4.94 1.94
N VAL D 179 26.40 4.42 2.08
CA VAL D 179 26.98 3.78 3.30
C VAL D 179 28.24 4.53 3.71
N HIS D 180 28.39 4.74 5.01
CA HIS D 180 29.53 5.44 5.65
C HIS D 180 30.57 4.38 6.01
N ILE D 181 31.67 4.32 5.25
CA ILE D 181 32.65 3.21 5.34
C ILE D 181 33.85 3.59 6.23
N TRP D 182 34.21 4.89 6.36
CA TRP D 182 35.28 5.34 7.29
C TRP D 182 35.12 6.79 7.80
N GLU D 183 35.60 6.99 9.02
CA GLU D 183 35.73 8.30 9.70
C GLU D 183 37.20 8.72 9.56
N SER D 184 37.53 9.98 9.78
CA SER D 184 38.86 10.48 9.31
C SER D 184 40.11 9.75 9.81
N SER D 185 40.26 9.37 11.09
CA SER D 185 41.59 8.77 11.41
C SER D 185 41.51 7.36 11.97
N ALA D 186 41.71 6.37 11.12
CA ALA D 186 41.70 4.95 11.53
C ALA D 186 40.47 4.62 12.38
N VAL D 187 39.28 5.00 11.86
CA VAL D 187 37.94 4.64 12.38
C VAL D 187 37.16 4.25 11.11
N VAL D 188 37.34 2.99 10.72
CA VAL D 188 36.73 2.45 9.47
C VAL D 188 35.66 1.44 9.86
N ALA D 189 34.67 1.29 9.00
CA ALA D 189 33.55 0.34 9.22
C ALA D 189 34.05 -1.08 9.01
N SER D 190 33.50 -2.02 9.76
CA SER D 190 33.51 -3.45 9.37
C SER D 190 32.19 -3.70 8.61
N PHE D 191 32.20 -4.65 7.67
CA PHE D 191 30.99 -5.02 6.89
C PHE D 191 31.03 -6.51 6.51
N GLU D 192 29.85 -6.99 6.13
CA GLU D 192 29.57 -8.38 5.74
C GLU D 192 28.52 -8.32 4.63
N ALA D 193 28.71 -9.09 3.57
CA ALA D 193 27.73 -9.26 2.50
C ALA D 193 27.55 -10.75 2.28
N THR D 194 26.35 -11.15 1.87
CA THR D 194 25.99 -12.54 1.55
C THR D 194 25.08 -12.44 0.34
N PHE D 195 25.31 -13.26 -0.69
CA PHE D 195 24.30 -13.48 -1.75
C PHE D 195 24.34 -14.96 -2.17
N THR D 196 23.20 -15.42 -2.70
CA THR D 196 23.03 -16.72 -3.36
C THR D 196 22.78 -16.47 -4.84
N PHE D 197 23.37 -17.31 -5.68
CA PHE D 197 23.45 -17.12 -7.15
C PHE D 197 23.33 -18.48 -7.84
N LEU D 198 22.81 -18.45 -9.06
CA LEU D 198 22.72 -19.59 -10.01
C LEU D 198 23.36 -19.13 -11.33
N ILE D 199 24.64 -19.46 -11.55
CA ILE D 199 25.32 -19.33 -12.87
C ILE D 199 25.09 -20.62 -13.65
N LYS D 200 24.51 -20.53 -14.85
CA LYS D 200 24.01 -21.63 -15.72
C LYS D 200 24.47 -21.35 -17.16
N SER D 201 24.68 -22.37 -17.99
CA SER D 201 25.17 -22.22 -19.38
C SER D 201 24.86 -23.45 -20.20
N PRO D 202 24.45 -23.32 -21.48
CA PRO D 202 24.49 -24.45 -22.43
C PRO D 202 25.91 -24.78 -22.94
N ASP D 203 26.86 -23.84 -22.84
CA ASP D 203 28.31 -24.03 -23.16
C ASP D 203 28.95 -24.99 -22.14
N SER D 204 30.24 -25.27 -22.31
CA SER D 204 31.16 -25.82 -21.27
C SER D 204 32.24 -24.77 -20.95
N HIS D 205 32.33 -23.69 -21.75
CA HIS D 205 32.99 -22.40 -21.41
C HIS D 205 31.91 -21.37 -21.09
N PRO D 206 31.42 -21.27 -19.82
CA PRO D 206 30.62 -20.13 -19.39
C PRO D 206 31.43 -18.85 -19.12
N ALA D 207 30.79 -17.69 -19.28
CA ALA D 207 31.42 -16.36 -19.06
C ALA D 207 30.34 -15.33 -18.74
N ASP D 208 30.70 -14.29 -18.00
CA ASP D 208 32.09 -13.96 -17.65
C ASP D 208 32.29 -13.88 -16.14
N GLY D 209 31.23 -13.66 -15.34
CA GLY D 209 31.37 -13.58 -13.87
C GLY D 209 30.30 -12.75 -13.21
N ILE D 210 30.34 -12.74 -11.87
CA ILE D 210 29.50 -11.94 -10.94
C ILE D 210 30.50 -11.30 -9.97
N ALA D 211 30.21 -10.12 -9.46
CA ALA D 211 31.07 -9.43 -8.48
C ALA D 211 30.19 -8.70 -7.48
N PHE D 212 30.57 -8.76 -6.21
CA PHE D 212 30.19 -7.79 -5.17
C PHE D 212 31.16 -6.61 -5.21
N PHE D 213 30.65 -5.38 -5.34
CA PHE D 213 31.53 -4.18 -5.47
C PHE D 213 31.07 -3.08 -4.53
N ILE D 214 32.03 -2.25 -4.13
CA ILE D 214 31.88 -0.97 -3.38
C ILE D 214 32.42 0.14 -4.28
N SER D 215 31.65 1.20 -4.50
CA SER D 215 32.00 2.30 -5.45
C SER D 215 31.65 3.66 -4.86
N ASN D 216 32.21 4.71 -5.43
CA ASN D 216 31.74 6.12 -5.26
C ASN D 216 30.23 6.13 -5.53
N ILE D 217 29.46 6.95 -4.81
CA ILE D 217 27.97 7.00 -4.80
C ILE D 217 27.40 7.11 -6.23
N ASP D 218 28.10 7.84 -7.11
CA ASP D 218 27.63 8.27 -8.46
C ASP D 218 28.05 7.26 -9.54
N SER D 219 28.79 6.20 -9.18
CA SER D 219 29.35 5.16 -10.09
C SER D 219 28.30 4.65 -11.07
N SER D 220 28.71 4.43 -12.32
CA SER D 220 27.88 3.83 -13.40
C SER D 220 28.74 2.86 -14.21
N ILE D 221 28.09 2.07 -15.07
CA ILE D 221 28.75 1.02 -15.91
C ILE D 221 29.73 1.74 -16.82
N PRO D 222 31.05 1.52 -16.65
CA PRO D 222 32.04 2.07 -17.57
C PRO D 222 31.81 1.63 -19.02
N SER D 223 32.10 2.52 -19.96
CA SER D 223 31.95 2.30 -21.43
C SER D 223 32.84 1.12 -21.86
N GLY D 224 32.26 0.14 -22.57
CA GLY D 224 32.98 -1.06 -23.06
C GLY D 224 33.46 -1.95 -21.93
N SER D 225 32.60 -2.19 -20.94
CA SER D 225 32.91 -2.96 -19.71
C SER D 225 32.13 -4.28 -19.72
N THR D 226 31.69 -4.73 -20.89
CA THR D 226 31.07 -6.07 -21.05
C THR D 226 32.16 -7.14 -20.97
N GLY D 227 31.78 -8.41 -21.02
CA GLY D 227 32.70 -9.56 -20.93
C GLY D 227 33.64 -9.43 -19.74
N ARG D 228 34.94 -9.42 -20.03
CA ARG D 228 36.03 -9.63 -19.03
C ARG D 228 36.14 -8.48 -18.02
N LEU D 229 35.48 -7.35 -18.24
CA LEU D 229 35.67 -6.18 -17.35
C LEU D 229 34.59 -6.16 -16.24
N LEU D 230 33.59 -7.05 -16.31
CA LEU D 230 32.64 -7.37 -15.20
C LEU D 230 31.74 -6.18 -14.85
N GLY D 231 31.53 -5.25 -15.80
CA GLY D 231 30.73 -4.02 -15.61
C GLY D 231 31.30 -3.15 -14.51
N LEU D 232 32.57 -3.34 -14.16
CA LEU D 232 33.27 -2.69 -13.03
C LEU D 232 34.33 -1.67 -13.52
N PHE D 233 35.01 -1.95 -14.63
CA PHE D 233 36.26 -1.24 -15.03
C PHE D 233 36.19 -0.77 -16.46
N PRO D 234 36.84 0.37 -16.81
CA PRO D 234 36.87 0.88 -18.18
C PRO D 234 37.97 0.25 -19.06
N ASP D 235 39.13 -0.01 -18.45
CA ASP D 235 40.36 -0.54 -19.08
C ASP D 235 40.87 -1.69 -18.22
N ALA D 236 41.81 -2.49 -18.73
CA ALA D 236 42.34 -3.71 -18.08
C ALA D 236 43.63 -3.41 -17.32
N ASN D 237 43.94 -2.14 -17.02
CA ASN D 237 45.16 -1.76 -16.25
C ASN D 237 45.07 -2.28 -14.81
MN MN E . -1.62 17.44 19.08
CA CA F . -0.04 21.24 19.31
C1 A1EAW G . -13.37 -12.50 16.14
C5 A1EAW G . -14.97 -13.81 14.89
C6 A1EAW G . -12.35 -10.55 15.17
C3 A1EAW G . -14.00 -11.86 13.93
C2 A1EAW G . -13.23 -11.63 15.08
N A1EAW G . -14.83 -12.95 13.86
C A1EAW G . -14.21 -13.59 16.04
O A1EAW G . -16.37 -15.31 16.01
C10 A1EAW G . -12.88 -8.98 11.86
C11 A1EAW G . -13.64 -9.22 10.71
C12 A1EAW G . -14.51 -10.32 10.67
C13 A1EAW G . -15.32 -10.61 9.42
C15 A1EAW G . -15.85 -15.02 14.95
C7 A1EAW G . -12.24 -9.65 14.10
C8 A1EAW G . -13.00 -9.86 12.94
C9 A1EAW G . -13.87 -10.97 12.86
N1 A1EAW G . -14.59 -11.18 11.73
O7 A1EAW G . -15.00 -10.08 8.39
C33 A1EAW G . -19.95 -13.69 14.84
C20 A1EAW G . -19.44 -15.00 14.25
C18 A1EAW G . -18.01 -15.75 12.43
C17 A1EAW G . -16.52 -15.49 12.64
N2 A1EAW G . -16.26 -15.82 13.99
O1 A1EAW G . -18.82 -14.70 12.99
O1M2 A1EAW G . -19.95 -13.78 16.24
C1M2 A1EAW G . -21.28 -13.78 16.77
C2M2 A1EAW G . -21.16 -13.63 18.29
C3M2 A1EAW G . -20.41 -14.83 18.85
C4M2 A1EAW G . -21.17 -16.14 18.54
C5M2 A1EAW G . -21.40 -16.20 17.03
C6M2 A1EAW G . -22.30 -17.36 16.69
O2M2 A1EAW G . -22.49 -13.59 18.77
O3M2 A1EAW G . -20.17 -14.75 20.23
O4M2 A1EAW G . -20.46 -17.29 19.05
O5M2 A1EAW G . -21.98 -14.99 16.46
O6M2 A1EAW G . -23.65 -17.28 17.18
C21 A1EAW G . -19.54 -15.27 8.93
C22 A1EAW G . -19.84 -13.92 9.57
C19 A1EAW G . -18.54 -12.14 8.64
C16 A1EAW G . -17.09 -11.86 8.29
N3 A1EAW G . -16.34 -11.47 9.47
O8 A1EAW G . -18.59 -13.24 9.54
O1M A1EAW G . -20.25 -15.09 7.76
C1M A1EAW G . -20.53 -16.23 7.00
C2M A1EAW G . -19.42 -17.19 6.69
C3M A1EAW G . -18.28 -16.63 5.86
C4M A1EAW G . -18.79 -15.86 4.65
C5M A1EAW G . -19.90 -14.92 5.05
C6M A1EAW G . -20.55 -14.28 3.83
O2M A1EAW G . -19.99 -18.20 5.86
O3M A1EAW G . -17.45 -17.71 5.43
O4M A1EAW G . -17.71 -15.10 4.10
O5M A1EAW G . -20.92 -15.59 5.81
O6M A1EAW G . -21.43 -15.23 3.21
MN MN H . -10.48 -12.02 -1.25
CA CA I . -14.14 -12.63 0.71
C1 A1EAW J . -21.68 1.48 29.31
C5 A1EAW J . -24.04 2.07 29.29
C6 A1EAW J . -20.16 2.58 27.75
C3 A1EAW J . -22.53 3.12 27.77
C2 A1EAW J . -21.44 2.39 28.27
N A1EAW J . -23.79 2.93 28.27
C A1EAW J . -22.98 1.32 29.82
O A1EAW J . -25.72 2.26 30.94
C10 A1EAW J . -20.87 5.14 25.15
C11 A1EAW J . -21.98 5.84 24.67
C12 A1EAW J . -23.24 5.61 25.23
C13 A1EAW J . -24.48 6.33 24.76
C15 A1EAW J . -25.44 1.91 29.80
C7 A1EAW J . -19.95 3.50 26.71
C8 A1EAW J . -21.03 4.22 26.20
C9 A1EAW J . -22.32 4.03 26.72
N1 A1EAW J . -23.37 4.72 26.23
O7 A1EAW J . -24.53 6.81 23.63
C33 A1EAW J . -31.34 3.17 27.02
C20 A1EAW J . -29.91 2.76 26.71
C18 A1EAW J . -28.55 2.38 28.65
C17 A1EAW J . -27.74 1.23 29.25
N2 A1EAW J . -26.34 1.38 28.95
O1 A1EAW J . -29.50 1.85 27.73
O1M2 A1EAW J . -31.30 4.17 28.03
C1M2 A1EAW J . -32.63 4.56 28.42
C2M2 A1EAW J . -32.50 5.84 29.26
C3M2 A1EAW J . -31.77 5.53 30.53
C4M2 A1EAW J . -32.55 4.50 31.34
C5M2 A1EAW J . -32.79 3.24 30.50
C6M2 A1EAW J . -33.69 2.25 31.26
O2M2 A1EAW J . -33.78 6.35 29.59
O3M2 A1EAW J . -31.62 6.75 31.21
O4M2 A1EAW J . -31.80 4.17 32.52
O5M2 A1EAW J . -33.34 3.56 29.19
O6M2 A1EAW J . -35.06 2.46 30.91
C21 A1EAW J . -27.27 3.67 22.41
C22 A1EAW J . -26.93 4.82 23.35
C19 A1EAW J . -27.94 5.92 25.29
C16 A1EAW J . -26.83 6.97 25.31
N3 A1EAW J . -25.52 6.39 25.62
O8 A1EAW J . -27.53 4.69 24.65
O1M A1EAW J . -26.64 3.96 21.16
C1M A1EAW J . -27.37 3.51 20.04
C2M A1EAW J . -26.36 3.42 18.91
C3M A1EAW J . -25.83 4.86 18.59
C4M A1EAW J . -26.96 5.85 18.30
C5M A1EAW J . -28.04 5.78 19.38
C6M A1EAW J . -29.26 6.59 18.98
O2M A1EAW J . -27.08 2.86 17.81
O3M A1EAW J . -24.90 4.82 17.52
O4M A1EAW J . -26.43 7.19 18.23
O5M A1EAW J . -28.42 4.42 19.68
O6M A1EAW J . -29.96 5.93 17.93
MN MN K . -22.82 15.72 15.76
CA CA L . -25.17 12.50 17.08
MN MN M . 39.75 -12.58 -12.76
CA CA N . 37.77 -13.31 -16.47
#